data_5ZXG
#
_entry.id   5ZXG
#
_cell.length_a   48.250
_cell.length_b   179.798
_cell.length_c   63.412
_cell.angle_alpha   90.00
_cell.angle_beta   113.61
_cell.angle_gamma   90.00
#
_symmetry.space_group_name_H-M   'P 1 21 1'
#
loop_
_entity.id
_entity.type
_entity.pdbx_description
1 polymer 'Cyclic maltosyl-maltose hydrolase'
2 non-polymer 'CALCIUM ION'
3 water water
#
_entity_poly.entity_id   1
_entity_poly.type   'polypeptide(L)'
_entity_poly.pdbx_seq_one_letter_code
;MGSSHHHHHHSSGLVPRGSHMVTAPDWLADAVFYQIFPERFANADPSLDPQNVVPWGSTPTPDNFFGGDLQGIIDHLDHI
VALGANALYLTPIFEADTNHRYDAKDYFSIDHRLGTLETFHALMAECRARGIRIVLDAVLNHCGDGHWAFADVVENEADS
AYVNWFSVEGFPVTAHPTPNYRTCSGCYYLPKWNAYNPEVRHHHLDVARYWIDQGIDGWRLDVPYFINHTFWREFRTAVK
GKSEDLYIVAEEWRSPVEWLQGDTADGTMNYTARDLILGFTADGGIDASALAAGLNALHAEIPAGFHRGMLNLLGSHDTE
RVLTRHAGDVEAALLSYALLFSLEGAPMVYYGDEVGLTGDNDPGCRGAMPWNEESWNTRLLDGIRTFAAFRAHQPAMRRG
RQTAVALDADTIAIVRSGGDERAAVIVHRGEGTTVDTASIPELAPLDADTVVLGPLGTASLATAASPGSSA
;
_entity_poly.pdbx_strand_id   A,B
#
# COMPACT_ATOMS: atom_id res chain seq x y z
N PRO A 25 9.36 35.40 3.72
CA PRO A 25 10.73 34.94 3.84
C PRO A 25 11.00 33.66 3.09
N ASP A 26 12.15 33.67 2.43
CA ASP A 26 12.58 32.66 1.47
C ASP A 26 12.67 31.25 2.07
N TRP A 27 13.02 31.17 3.36
CA TRP A 27 13.29 29.90 4.03
C TRP A 27 12.08 29.01 4.17
N LEU A 28 10.92 29.60 4.02
CA LEU A 28 9.67 28.90 4.07
C LEU A 28 9.50 27.92 2.91
N ALA A 29 10.22 28.15 1.82
CA ALA A 29 10.14 27.29 0.65
C ALA A 29 10.62 25.91 0.97
N ASP A 30 11.66 25.81 1.83
CA ASP A 30 12.26 24.52 2.35
C ASP A 30 11.69 24.06 3.71
N ALA A 31 10.67 24.73 4.22
CA ALA A 31 10.21 24.45 5.59
C ALA A 31 9.21 23.26 5.58
N VAL A 32 9.32 22.43 6.61
CA VAL A 32 8.32 21.40 6.89
C VAL A 32 8.08 21.52 8.36
N PHE A 33 6.82 21.56 8.72
CA PHE A 33 6.39 21.88 10.05
C PHE A 33 5.80 20.64 10.74
N TYR A 34 5.99 20.61 12.04
CA TYR A 34 5.50 19.60 12.95
C TYR A 34 4.84 20.38 14.06
N GLN A 35 3.54 20.21 14.18
CA GLN A 35 2.78 20.96 15.15
C GLN A 35 2.70 20.16 16.46
N ILE A 36 3.08 20.82 17.56
CA ILE A 36 2.98 20.23 18.89
C ILE A 36 2.00 21.01 19.81
N PHE A 37 1.18 20.25 20.54
CA PHE A 37 0.31 20.72 21.60
C PHE A 37 1.08 20.30 22.87
N PRO A 38 1.86 21.24 23.45
CA PRO A 38 2.95 20.87 24.35
C PRO A 38 2.60 20.07 25.58
N GLU A 39 1.38 20.19 26.09
CA GLU A 39 0.89 19.32 27.18
C GLU A 39 0.96 17.79 26.94
N ARG A 40 1.08 17.39 25.68
CA ARG A 40 0.76 16.03 25.26
C ARG A 40 1.83 15.36 24.41
N PHE A 41 3.00 15.98 24.22
CA PHE A 41 4.00 15.43 23.31
C PHE A 41 4.90 14.44 24.02
N ALA A 42 5.43 14.84 25.18
CA ALA A 42 6.39 14.00 25.95
C ALA A 42 6.66 14.59 27.32
N ASN A 43 6.59 13.73 28.32
CA ASN A 43 6.69 14.11 29.70
C ASN A 43 8.05 13.57 30.12
N ALA A 44 9.07 14.42 30.12
CA ALA A 44 10.42 14.05 30.56
C ALA A 44 10.69 14.41 32.02
N ASP A 45 9.94 15.34 32.61
CA ASP A 45 10.27 15.87 33.93
C ASP A 45 9.09 15.72 34.93
N PRO A 46 9.08 14.64 35.74
CA PRO A 46 7.94 14.35 36.64
C PRO A 46 7.83 15.40 37.74
N SER A 47 8.93 16.05 38.06
CA SER A 47 8.92 17.12 39.02
C SER A 47 8.04 18.26 38.56
N LEU A 48 7.86 18.45 37.24
CA LEU A 48 6.99 19.51 36.75
C LEU A 48 5.53 19.13 36.82
N ASP A 49 5.23 17.83 36.99
CA ASP A 49 3.87 17.33 36.83
C ASP A 49 2.97 17.97 37.90
N PRO A 50 1.74 18.35 37.50
CA PRO A 50 0.69 18.77 38.43
C PRO A 50 0.13 17.60 39.24
N GLN A 51 -0.50 17.95 40.35
CA GLN A 51 -0.94 17.00 41.37
C GLN A 51 -1.83 15.87 40.90
N ASN A 52 -2.85 16.21 40.08
CA ASN A 52 -3.83 15.23 39.57
C ASN A 52 -3.55 14.80 38.11
N VAL A 53 -2.27 14.77 37.75
CA VAL A 53 -1.82 14.37 36.43
C VAL A 53 -2.34 13.00 36.14
N VAL A 54 -2.87 12.80 34.93
CA VAL A 54 -3.41 11.49 34.50
C VAL A 54 -2.35 10.62 33.84
N PRO A 55 -2.59 9.29 33.67
CA PRO A 55 -1.64 8.42 32.92
C PRO A 55 -1.48 8.82 31.45
N TRP A 56 -0.33 8.56 30.84
CA TRP A 56 -0.01 9.08 29.52
C TRP A 56 -1.02 8.56 28.46
N GLY A 57 -1.48 7.33 28.65
CA GLY A 57 -2.45 6.76 27.72
C GLY A 57 -3.86 7.31 27.78
N SER A 58 -4.17 8.19 28.75
CA SER A 58 -5.55 8.50 29.09
C SER A 58 -6.24 9.27 27.98
N THR A 59 -7.56 9.25 28.02
CA THR A 59 -8.39 9.99 27.11
C THR A 59 -8.30 11.49 27.41
N PRO A 60 -8.07 12.31 26.35
CA PRO A 60 -7.97 13.73 26.61
C PRO A 60 -9.37 14.33 26.90
N THR A 61 -9.41 15.32 27.80
CA THR A 61 -10.62 16.05 28.13
C THR A 61 -10.25 17.52 28.18
N PRO A 62 -11.28 18.42 28.28
CA PRO A 62 -11.01 19.86 28.41
C PRO A 62 -10.25 20.33 29.71
N ASP A 63 -10.15 19.46 30.73
CA ASP A 63 -9.48 19.84 31.99
C ASP A 63 -8.30 19.02 32.42
N ASN A 64 -8.08 17.84 31.86
CA ASN A 64 -7.06 16.98 32.44
C ASN A 64 -5.69 17.43 31.94
N PHE A 65 -4.69 17.12 32.75
CA PHE A 65 -3.30 17.34 32.45
C PHE A 65 -2.55 15.99 32.45
N PHE A 66 -1.61 15.90 31.53
CA PHE A 66 -0.76 14.79 31.30
C PHE A 66 0.71 15.02 31.63
N GLY A 67 1.09 16.27 31.81
CA GLY A 67 2.46 16.59 32.18
C GLY A 67 3.44 16.68 31.04
N GLY A 68 2.97 16.81 29.80
CA GLY A 68 3.91 17.05 28.68
C GLY A 68 4.75 18.27 29.03
N ASP A 69 6.01 18.27 28.64
CA ASP A 69 6.94 19.35 29.02
C ASP A 69 7.95 19.74 27.93
N LEU A 70 8.65 20.84 28.12
CA LEU A 70 9.59 21.31 27.07
C LEU A 70 10.80 20.38 26.93
N GLN A 71 11.29 19.86 28.05
CA GLN A 71 12.39 18.91 28.02
C GLN A 71 12.01 17.68 27.20
N GLY A 72 10.76 17.22 27.34
CA GLY A 72 10.24 16.13 26.54
C GLY A 72 10.31 16.46 25.07
N ILE A 73 10.12 17.72 24.69
CA ILE A 73 10.31 18.12 23.30
C ILE A 73 11.79 18.03 22.85
N ILE A 74 12.68 18.51 23.69
CA ILE A 74 14.14 18.34 23.44
C ILE A 74 14.54 16.88 23.30
N ASP A 75 14.02 16.05 24.16
CA ASP A 75 14.30 14.68 24.17
C ASP A 75 13.83 13.94 22.93
N HIS A 76 12.86 14.47 22.23
CA HIS A 76 12.38 13.82 21.07
C HIS A 76 12.63 14.46 19.73
N LEU A 77 13.57 15.39 19.65
CA LEU A 77 13.87 16.06 18.39
C LEU A 77 14.27 15.09 17.27
N ASP A 78 14.90 13.99 17.67
CA ASP A 78 15.29 12.92 16.75
C ASP A 78 14.12 12.48 15.88
N HIS A 79 13.05 12.07 16.56
CA HIS A 79 11.85 11.62 15.87
C HIS A 79 11.32 12.68 14.90
N ILE A 80 11.34 13.95 15.35
CA ILE A 80 10.86 15.09 14.50
C ILE A 80 11.71 15.17 13.23
N VAL A 81 13.02 15.04 13.40
CA VAL A 81 13.98 15.25 12.31
C VAL A 81 13.92 14.06 11.35
N ALA A 82 13.82 12.86 11.93
CA ALA A 82 13.64 11.64 11.16
C ALA A 82 12.34 11.65 10.37
N LEU A 83 11.31 12.36 10.85
CA LEU A 83 10.09 12.58 10.07
C LEU A 83 10.37 13.42 8.80
N GLY A 84 11.29 14.36 8.93
CA GLY A 84 11.68 15.27 7.87
C GLY A 84 11.32 16.71 8.16
N ALA A 85 10.83 17.01 9.37
CA ALA A 85 10.50 18.38 9.77
C ALA A 85 11.75 19.17 10.16
N ASN A 86 11.70 20.45 9.87
CA ASN A 86 12.74 21.39 10.27
C ASN A 86 12.15 22.64 10.92
N ALA A 87 10.90 22.58 11.38
CA ALA A 87 10.26 23.71 12.02
C ALA A 87 9.12 23.25 12.91
N LEU A 88 9.04 23.84 14.09
CA LEU A 88 7.96 23.56 14.97
C LEU A 88 6.99 24.73 14.98
N TYR A 89 5.70 24.44 14.88
CA TYR A 89 4.66 25.29 15.41
C TYR A 89 4.21 24.78 16.79
N LEU A 90 4.47 25.56 17.85
CA LEU A 90 3.96 25.21 19.19
C LEU A 90 2.75 26.04 19.51
N THR A 91 1.77 25.40 20.14
CA THR A 91 0.57 26.04 20.59
C THR A 91 0.96 26.74 21.87
N PRO A 92 0.06 27.49 22.52
CA PRO A 92 0.61 28.38 23.54
C PRO A 92 1.35 27.69 24.66
N ILE A 93 2.47 28.28 25.04
CA ILE A 93 3.34 27.78 26.12
C ILE A 93 3.51 28.71 27.30
N PHE A 94 2.77 29.80 27.37
CA PHE A 94 2.89 30.74 28.50
C PHE A 94 1.99 30.34 29.68
N GLU A 95 2.30 30.92 30.82
CA GLU A 95 1.73 30.55 32.10
C GLU A 95 0.25 30.73 31.94
N ALA A 96 -0.51 29.72 32.35
CA ALA A 96 -1.99 29.74 32.17
C ALA A 96 -2.65 28.70 33.09
N ASP A 97 -3.96 28.66 33.10
CA ASP A 97 -4.73 27.74 33.98
C ASP A 97 -5.51 26.67 33.23
N THR A 98 -5.33 26.53 31.92
CA THR A 98 -5.89 25.38 31.17
C THR A 98 -4.82 24.44 30.62
N ASN A 99 -5.29 23.31 30.12
CA ASN A 99 -4.42 22.41 29.43
C ASN A 99 -4.02 22.94 28.02
N HIS A 100 -4.80 23.85 27.46
CA HIS A 100 -4.52 24.37 26.12
C HIS A 100 -3.74 25.66 26.13
N ARG A 101 -3.82 26.39 27.23
CA ARG A 101 -2.99 27.57 27.49
C ARG A 101 -3.39 28.82 26.65
N TYR A 102 -4.64 28.84 26.18
CA TYR A 102 -5.22 29.97 25.46
C TYR A 102 -5.71 31.08 26.40
N ASP A 103 -5.56 30.85 27.71
CA ASP A 103 -6.02 31.71 28.76
C ASP A 103 -4.79 32.18 29.55
N ALA A 104 -3.86 32.79 28.80
CA ALA A 104 -2.59 33.23 29.36
C ALA A 104 -2.82 34.10 30.58
N LYS A 105 -2.05 33.90 31.62
CA LYS A 105 -2.10 34.75 32.78
C LYS A 105 -0.80 35.54 32.96
N ASP A 106 0.19 35.26 32.13
CA ASP A 106 1.45 35.99 32.14
C ASP A 106 2.21 35.66 30.89
N TYR A 107 2.24 36.64 29.99
CA TYR A 107 2.84 36.44 28.66
C TYR A 107 4.36 36.45 28.65
N PHE A 108 5.03 36.67 29.77
CA PHE A 108 6.51 36.80 29.79
C PHE A 108 7.17 35.70 30.55
N SER A 109 6.42 34.60 30.75
CA SER A 109 6.89 33.38 31.35
C SER A 109 6.35 32.12 30.67
N ILE A 110 7.21 31.12 30.57
CA ILE A 110 6.83 29.76 30.28
C ILE A 110 5.95 29.22 31.40
N ASP A 111 4.94 28.48 31.02
CA ASP A 111 4.10 27.91 32.05
C ASP A 111 4.92 27.01 32.94
N HIS A 112 4.66 27.14 34.25
CA HIS A 112 5.46 26.40 35.25
C HIS A 112 5.46 24.85 35.10
N ARG A 113 4.43 24.27 34.48
CA ARG A 113 4.45 22.83 34.19
C ARG A 113 5.23 22.48 32.92
N LEU A 114 5.47 23.44 32.03
CA LEU A 114 6.28 23.16 30.83
C LEU A 114 7.74 23.19 31.11
N GLY A 115 8.14 24.06 32.03
CA GLY A 115 9.56 24.23 32.37
C GLY A 115 9.88 25.66 32.76
N THR A 116 11.14 26.01 32.66
CA THR A 116 11.62 27.34 32.97
C THR A 116 12.10 27.97 31.69
N LEU A 117 12.37 29.24 31.78
CA LEU A 117 12.98 29.99 30.70
C LEU A 117 14.27 29.30 30.24
N GLU A 118 15.04 28.82 31.18
CA GLU A 118 16.28 28.09 30.89
C GLU A 118 16.02 26.89 29.99
N THR A 119 15.02 26.09 30.34
CA THR A 119 14.70 24.95 29.56
C THR A 119 14.31 25.36 28.17
N PHE A 120 13.60 26.47 28.09
CA PHE A 120 13.16 27.08 26.86
C PHE A 120 14.33 27.51 25.99
N HIS A 121 15.33 28.06 26.64
CA HIS A 121 16.55 28.47 26.00
C HIS A 121 17.29 27.27 25.48
N ALA A 122 17.27 26.19 26.26
CA ALA A 122 17.94 24.98 25.91
C ALA A 122 17.29 24.35 24.68
N LEU A 123 15.98 24.37 24.63
CA LEU A 123 15.27 23.89 23.48
C LEU A 123 15.64 24.71 22.22
N MET A 124 15.76 25.99 22.35
CA MET A 124 16.12 26.84 21.20
C MET A 124 17.52 26.50 20.68
N ALA A 125 18.46 26.40 21.61
CA ALA A 125 19.83 26.03 21.28
C ALA A 125 19.92 24.70 20.54
N GLU A 126 19.22 23.69 21.07
CA GLU A 126 19.24 22.38 20.49
C GLU A 126 18.63 22.47 19.14
N CYS A 127 17.54 23.23 19.01
CA CYS A 127 16.86 23.36 17.72
C CYS A 127 17.80 24.05 16.70
N ARG A 128 18.46 25.13 17.11
CA ARG A 128 19.42 25.83 16.24
C ARG A 128 20.51 24.88 15.82
N ALA A 129 20.97 24.04 16.73
CA ALA A 129 21.98 23.04 16.40
C ALA A 129 21.59 21.98 15.31
N ARG A 130 20.30 21.80 15.09
CA ARG A 130 19.81 20.87 14.08
C ARG A 130 19.18 21.52 12.87
N GLY A 131 19.27 22.86 12.80
CA GLY A 131 18.66 23.65 11.75
C GLY A 131 17.15 23.63 11.83
N ILE A 132 16.62 23.48 13.05
CA ILE A 132 15.20 23.51 13.28
C ILE A 132 14.77 24.94 13.70
N ARG A 133 13.65 25.41 13.16
CA ARG A 133 13.10 26.73 13.52
C ARG A 133 11.90 26.59 14.41
N ILE A 134 11.62 27.63 15.19
CA ILE A 134 10.51 27.60 16.15
C ILE A 134 9.54 28.73 15.94
N VAL A 135 8.26 28.37 15.97
CA VAL A 135 7.14 29.29 15.83
C VAL A 135 6.16 29.14 16.99
N LEU A 136 5.96 30.21 17.77
CA LEU A 136 4.97 30.25 18.88
C LEU A 136 3.58 30.86 18.51
N ASP A 137 2.63 30.58 19.38
CA ASP A 137 1.26 30.99 19.26
C ASP A 137 1.14 32.35 19.96
N ALA A 138 0.64 33.35 19.22
CA ALA A 138 0.40 34.70 19.71
C ALA A 138 -1.08 34.82 19.95
N VAL A 139 -1.43 34.92 21.23
CA VAL A 139 -2.83 34.96 21.64
C VAL A 139 -3.10 36.36 22.19
N LEU A 140 -3.44 37.23 21.27
CA LEU A 140 -3.59 38.65 21.52
C LEU A 140 -4.96 39.32 21.57
N ASN A 141 -5.98 38.60 21.18
CA ASN A 141 -7.33 39.05 21.23
C ASN A 141 -7.83 38.95 22.65
N HIS A 142 -7.31 38.02 23.39
CA HIS A 142 -7.77 37.82 24.71
C HIS A 142 -6.75 37.15 25.58
N CYS A 143 -6.88 37.33 26.87
CA CYS A 143 -6.10 36.59 27.86
C CYS A 143 -7.06 35.78 28.75
N GLY A 144 -6.49 35.16 29.77
CA GLY A 144 -7.23 34.41 30.75
C GLY A 144 -7.72 35.25 31.93
N ASP A 145 -8.78 34.78 32.55
CA ASP A 145 -9.33 35.51 33.69
C ASP A 145 -8.42 35.47 34.90
N GLY A 146 -7.43 34.62 34.89
CA GLY A 146 -6.45 34.63 35.93
C GLY A 146 -5.29 35.59 35.68
N HIS A 147 -5.26 36.30 34.56
CA HIS A 147 -4.18 37.22 34.27
C HIS A 147 -4.17 38.34 35.26
N TRP A 148 -3.00 38.73 35.74
CA TRP A 148 -2.83 39.79 36.77
C TRP A 148 -3.57 41.10 36.56
N ALA A 149 -3.50 41.58 35.34
CA ALA A 149 -4.30 42.74 34.88
C ALA A 149 -5.80 42.52 35.06
N PHE A 150 -6.31 41.39 34.60
CA PHE A 150 -7.75 41.16 34.74
C PHE A 150 -8.18 41.04 36.23
N ALA A 151 -7.42 40.32 37.02
CA ALA A 151 -7.72 40.11 38.42
C ALA A 151 -7.64 41.44 39.19
N ASP A 152 -6.77 42.35 38.72
CA ASP A 152 -6.61 43.66 39.31
C ASP A 152 -7.81 44.57 39.02
N VAL A 153 -8.37 44.43 37.82
CA VAL A 153 -9.62 45.11 37.43
C VAL A 153 -10.77 44.50 38.27
N VAL A 154 -10.85 43.18 38.35
CA VAL A 154 -11.87 42.52 39.23
C VAL A 154 -11.81 43.03 40.66
N GLU A 155 -10.60 43.24 41.19
CA GLU A 155 -10.34 43.68 42.61
C GLU A 155 -10.60 45.17 42.82
N ASN A 156 -9.95 46.01 42.02
CA ASN A 156 -9.92 47.46 42.22
C ASN A 156 -10.85 48.26 41.32
N GLU A 157 -11.47 47.58 40.34
CA GLU A 157 -12.58 48.09 39.55
C GLU A 157 -12.20 49.36 38.79
N ALA A 158 -12.92 50.48 38.98
CA ALA A 158 -12.57 51.74 38.32
C ALA A 158 -11.26 52.36 38.83
N ASP A 159 -10.84 51.99 40.04
CA ASP A 159 -9.52 52.41 40.57
C ASP A 159 -8.31 51.59 40.06
N SER A 160 -8.54 50.47 39.38
CA SER A 160 -7.44 49.72 38.80
C SER A 160 -6.83 50.48 37.64
N ALA A 161 -5.52 50.43 37.55
CA ALA A 161 -4.82 51.08 36.44
C ALA A 161 -5.03 50.36 35.11
N TYR A 162 -5.60 49.14 35.14
CA TYR A 162 -5.81 48.29 33.94
C TYR A 162 -7.28 48.20 33.51
N VAL A 163 -8.15 49.05 34.07
CA VAL A 163 -9.58 49.02 33.73
C VAL A 163 -9.76 49.13 32.22
N ASN A 164 -9.05 50.05 31.59
CA ASN A 164 -9.15 50.18 30.14
C ASN A 164 -8.28 49.24 29.32
N TRP A 165 -7.59 48.30 29.96
CA TRP A 165 -6.93 47.21 29.22
C TRP A 165 -7.93 46.14 28.76
N PHE A 166 -9.15 46.25 29.28
CA PHE A 166 -10.27 45.40 28.94
C PHE A 166 -11.52 46.24 28.61
N SER A 167 -12.61 45.54 28.24
CA SER A 167 -13.90 46.13 27.98
C SER A 167 -14.93 45.57 28.97
N VAL A 168 -14.92 46.17 30.14
CA VAL A 168 -15.82 45.85 31.25
C VAL A 168 -17.02 46.84 31.21
N GLU A 169 -18.21 46.29 31.09
CA GLU A 169 -19.40 47.11 31.01
C GLU A 169 -19.66 47.94 32.28
N GLY A 170 -19.33 47.37 33.43
CA GLY A 170 -19.58 48.02 34.70
C GLY A 170 -19.26 47.07 35.82
N PHE A 171 -19.31 47.59 37.03
CA PHE A 171 -18.96 46.85 38.24
C PHE A 171 -20.19 46.51 39.14
N PRO A 172 -20.13 45.44 39.93
CA PRO A 172 -18.98 44.52 39.97
C PRO A 172 -18.93 43.61 38.75
N VAL A 173 -17.73 43.17 38.39
CA VAL A 173 -17.57 42.28 37.22
C VAL A 173 -18.20 40.93 37.59
N THR A 174 -18.91 40.42 36.62
CA THR A 174 -19.59 39.19 36.80
C THR A 174 -19.62 38.33 35.57
N ALA A 175 -19.50 37.06 35.80
CA ALA A 175 -19.55 36.07 34.77
C ALA A 175 -20.84 35.34 34.85
N HIS A 176 -21.20 35.14 36.12
CA HIS A 176 -22.34 34.42 36.65
C HIS A 176 -23.28 33.96 35.60
N PRO A 177 -24.18 34.85 35.18
CA PRO A 177 -25.19 34.76 34.12
C PRO A 177 -24.43 34.62 32.81
N THR A 178 -24.08 35.73 32.20
CA THR A 178 -23.16 35.82 31.07
C THR A 178 -22.22 36.99 31.43
N PRO A 179 -20.97 36.96 30.97
CA PRO A 179 -20.01 38.01 31.29
C PRO A 179 -20.51 39.43 31.00
N ASN A 180 -20.31 40.31 31.96
CA ASN A 180 -20.63 41.67 31.75
C ASN A 180 -19.32 42.37 31.26
N TYR A 181 -18.49 41.61 30.51
CA TYR A 181 -17.31 42.10 29.84
C TYR A 181 -17.15 41.33 28.51
N ARG A 182 -16.43 41.91 27.56
CA ARG A 182 -16.14 41.29 26.25
C ARG A 182 -15.19 40.09 26.36
N THR A 183 -15.45 39.07 25.56
CA THR A 183 -14.72 37.86 25.65
C THR A 183 -14.43 37.33 24.28
N CYS A 184 -13.59 36.30 24.24
CA CYS A 184 -13.53 35.49 23.06
C CYS A 184 -14.72 34.51 23.05
N SER A 185 -15.66 34.74 22.13
CA SER A 185 -16.78 33.84 21.83
C SER A 185 -17.62 33.42 23.06
N GLY A 186 -17.91 34.40 23.91
CA GLY A 186 -18.77 34.19 25.07
C GLY A 186 -18.10 33.49 26.25
N CYS A 187 -16.84 33.08 26.09
CA CYS A 187 -16.20 32.35 27.14
C CYS A 187 -15.77 33.29 28.30
N TYR A 188 -16.36 33.08 29.47
CA TYR A 188 -16.10 33.95 30.61
C TYR A 188 -14.63 33.95 31.07
N TYR A 189 -13.92 32.84 30.91
CA TYR A 189 -12.52 32.81 31.34
C TYR A 189 -11.51 33.41 30.33
N LEU A 190 -12.00 33.89 29.18
CA LEU A 190 -11.17 34.49 28.12
C LEU A 190 -11.58 35.94 27.82
N PRO A 191 -11.40 36.86 28.77
CA PRO A 191 -11.77 38.24 28.54
C PRO A 191 -10.96 38.87 27.40
N LYS A 192 -11.61 39.75 26.64
CA LYS A 192 -11.05 40.27 25.40
C LYS A 192 -10.15 41.45 25.74
N TRP A 193 -9.00 41.48 25.13
CA TRP A 193 -8.08 42.63 25.31
C TRP A 193 -8.60 43.84 24.53
N ASN A 194 -8.54 45.01 25.14
CA ASN A 194 -8.86 46.19 24.44
C ASN A 194 -7.66 46.62 23.59
N ALA A 195 -7.62 46.18 22.33
CA ALA A 195 -6.52 46.56 21.40
C ALA A 195 -6.61 48.00 20.91
N TYR A 196 -7.70 48.67 21.27
CA TYR A 196 -7.83 50.14 21.09
C TYR A 196 -7.09 50.96 22.14
N ASN A 197 -6.47 50.31 23.12
CA ASN A 197 -5.70 50.98 24.18
C ASN A 197 -4.24 50.88 23.80
N PRO A 198 -3.56 52.03 23.61
CA PRO A 198 -2.14 51.98 23.27
C PRO A 198 -1.26 51.23 24.30
N GLU A 199 -1.68 51.19 25.56
CA GLU A 199 -0.94 50.47 26.59
C GLU A 199 -0.97 48.98 26.33
N VAL A 200 -2.14 48.51 25.90
CA VAL A 200 -2.31 47.09 25.51
C VAL A 200 -1.51 46.78 24.27
N ARG A 201 -1.55 47.63 23.25
CA ARG A 201 -0.64 47.43 22.09
C ARG A 201 0.81 47.40 22.47
N HIS A 202 1.21 48.29 23.36
CA HIS A 202 2.57 48.37 23.80
C HIS A 202 2.95 47.05 24.44
N HIS A 203 2.08 46.52 25.28
CA HIS A 203 2.23 45.26 25.89
C HIS A 203 2.34 44.13 24.86
N HIS A 204 1.50 44.15 23.86
CA HIS A 204 1.50 43.12 22.86
C HIS A 204 2.75 43.13 22.04
N LEU A 205 3.21 44.31 21.67
CA LEU A 205 4.44 44.44 20.95
C LEU A 205 5.63 44.10 21.85
N ASP A 206 5.56 44.37 23.13
CA ASP A 206 6.67 43.87 23.99
C ASP A 206 6.72 42.32 24.02
N VAL A 207 5.57 41.66 24.07
CA VAL A 207 5.52 40.19 24.06
C VAL A 207 6.16 39.66 22.77
N ALA A 208 5.74 40.17 21.63
CA ALA A 208 6.35 39.75 20.36
C ALA A 208 7.83 39.96 20.32
N ARG A 209 8.28 41.11 20.82
CA ARG A 209 9.68 41.41 20.82
C ARG A 209 10.45 40.55 21.82
N TYR A 210 9.84 40.31 22.97
CA TYR A 210 10.53 39.63 24.04
C TYR A 210 10.92 38.19 23.65
N TRP A 211 9.99 37.44 23.06
CA TRP A 211 10.27 36.05 22.73
C TRP A 211 11.13 35.92 21.49
N ILE A 212 11.05 36.89 20.58
CA ILE A 212 12.02 37.03 19.49
C ILE A 212 13.44 37.23 20.05
N ASP A 213 13.56 38.06 21.10
CA ASP A 213 14.85 38.17 21.80
C ASP A 213 15.26 36.83 22.46
N GLN A 214 14.31 36.00 22.89
CA GLN A 214 14.66 34.69 23.46
C GLN A 214 14.97 33.61 22.43
N GLY A 215 15.12 33.96 21.13
CA GLY A 215 15.55 32.98 20.09
C GLY A 215 14.53 32.47 19.08
N ILE A 216 13.33 33.00 19.12
CA ILE A 216 12.17 32.48 18.38
C ILE A 216 12.25 32.95 16.91
N ASP A 217 11.71 32.13 16.01
CA ASP A 217 11.79 32.36 14.53
C ASP A 217 10.51 32.86 13.89
N GLY A 218 9.42 32.86 14.66
CA GLY A 218 8.17 33.44 14.21
C GLY A 218 6.96 33.18 15.10
N TRP A 219 5.83 33.70 14.62
CA TRP A 219 4.59 33.73 15.34
C TRP A 219 3.40 33.27 14.50
N ARG A 220 2.56 32.43 15.12
CA ARG A 220 1.27 32.11 14.57
C ARG A 220 0.27 33.00 15.28
N LEU A 221 -0.64 33.59 14.54
CA LEU A 221 -1.64 34.53 15.10
C LEU A 221 -2.92 33.77 15.41
N ASP A 222 -3.29 33.72 16.68
CA ASP A 222 -4.57 33.17 17.11
C ASP A 222 -5.70 34.15 16.80
N VAL A 223 -6.75 33.64 16.14
CA VAL A 223 -7.93 34.38 15.71
C VAL A 223 -7.69 35.86 15.39
N PRO A 224 -6.85 36.13 14.37
CA PRO A 224 -6.49 37.53 14.09
C PRO A 224 -7.62 38.35 13.53
N TYR A 225 -8.61 37.68 12.94
CA TYR A 225 -9.88 38.27 12.51
C TYR A 225 -10.72 38.96 13.64
N PHE A 226 -10.53 38.54 14.90
CA PHE A 226 -11.19 39.20 16.05
C PHE A 226 -10.54 40.51 16.48
N ILE A 227 -9.44 40.88 15.90
CA ILE A 227 -8.86 42.16 16.22
C ILE A 227 -9.02 43.02 14.99
N ASN A 228 -7.98 43.59 14.46
CA ASN A 228 -8.16 44.43 13.26
C ASN A 228 -6.82 44.56 12.57
N HIS A 229 -6.86 44.95 11.32
CA HIS A 229 -5.66 45.06 10.50
C HIS A 229 -4.73 46.19 10.85
N THR A 230 -5.25 47.24 11.45
CA THR A 230 -4.40 48.33 11.89
C THR A 230 -3.43 47.72 12.91
N PHE A 231 -3.99 46.98 13.87
CA PHE A 231 -3.15 46.35 14.87
C PHE A 231 -2.11 45.37 14.25
N TRP A 232 -2.55 44.55 13.30
CA TRP A 232 -1.64 43.61 12.64
C TRP A 232 -0.60 44.29 11.74
N ARG A 233 -0.86 45.50 11.24
CA ARG A 233 0.21 46.25 10.59
C ARG A 233 1.31 46.66 11.54
N GLU A 234 0.93 47.10 12.74
CA GLU A 234 1.93 47.50 13.77
C GLU A 234 2.77 46.27 14.19
N PHE A 235 2.03 45.18 14.38
CA PHE A 235 2.59 43.89 14.67
C PHE A 235 3.64 43.45 13.67
N ARG A 236 3.30 43.49 12.39
CA ARG A 236 4.27 43.22 11.32
C ARG A 236 5.48 44.13 11.43
N THR A 237 5.26 45.43 11.52
CA THR A 237 6.36 46.39 11.55
C THR A 237 7.38 46.13 12.66
N ALA A 238 6.87 45.80 13.84
CA ALA A 238 7.69 45.47 14.99
C ALA A 238 8.47 44.18 14.80
N VAL A 239 7.82 43.15 14.24
CA VAL A 239 8.42 41.86 14.04
C VAL A 239 9.48 41.94 12.93
N LYS A 240 9.07 42.32 11.74
CA LYS A 240 10.03 42.53 10.64
C LYS A 240 11.18 43.47 10.99
N GLY A 241 10.95 44.46 11.87
CA GLY A 241 12.01 45.38 12.36
C GLY A 241 13.14 44.69 13.08
N LYS A 242 12.80 43.66 13.86
CA LYS A 242 13.81 42.79 14.47
C LYS A 242 14.61 42.05 13.38
N SER A 243 13.88 41.40 12.46
CA SER A 243 14.46 40.70 11.34
C SER A 243 13.41 40.39 10.29
N GLU A 244 13.70 40.76 9.04
CA GLU A 244 12.83 40.43 7.90
C GLU A 244 12.47 38.93 7.79
N ASP A 245 13.38 38.04 8.21
CA ASP A 245 13.14 36.58 8.09
C ASP A 245 12.30 35.94 9.20
N LEU A 246 11.81 36.73 10.13
CA LEU A 246 10.83 36.23 11.10
C LEU A 246 9.50 36.04 10.42
N TYR A 247 8.88 34.91 10.64
CA TYR A 247 7.70 34.50 9.87
C TYR A 247 6.46 34.81 10.67
N ILE A 248 5.42 35.24 9.94
CA ILE A 248 4.14 35.55 10.48
C ILE A 248 3.07 34.80 9.70
N VAL A 249 2.34 33.95 10.40
CA VAL A 249 1.32 33.12 9.80
C VAL A 249 0.10 33.24 10.63
N ALA A 250 -0.99 33.58 9.95
CA ALA A 250 -2.26 33.84 10.56
C ALA A 250 -3.16 32.61 10.49
N GLU A 251 -3.88 32.33 11.59
CA GLU A 251 -5.04 31.44 11.59
C GLU A 251 -6.14 32.10 10.77
N GLU A 252 -6.63 31.37 9.77
CA GLU A 252 -7.78 31.79 8.97
C GLU A 252 -8.41 30.53 8.35
N TRP A 253 -9.68 30.27 8.66
CA TRP A 253 -10.41 29.09 8.16
C TRP A 253 -11.09 29.30 6.78
N ARG A 254 -11.18 30.54 6.31
CA ARG A 254 -11.86 30.89 5.07
C ARG A 254 -10.83 31.39 4.10
N SER A 255 -11.19 32.37 3.31
CA SER A 255 -10.22 32.93 2.38
C SER A 255 -9.04 33.56 3.11
N PRO A 256 -7.84 33.24 2.66
CA PRO A 256 -6.63 33.86 3.21
C PRO A 256 -6.26 35.19 2.58
N VAL A 257 -7.02 35.68 1.61
CA VAL A 257 -6.54 36.78 0.74
C VAL A 257 -6.27 38.05 1.54
N GLU A 258 -7.14 38.36 2.49
CA GLU A 258 -7.00 39.58 3.30
C GLU A 258 -5.69 39.68 4.09
N TRP A 259 -5.09 38.52 4.39
CA TRP A 259 -3.84 38.45 5.17
C TRP A 259 -2.60 38.53 4.34
N LEU A 260 -2.75 38.54 3.02
CA LEU A 260 -1.58 38.46 2.11
C LEU A 260 -1.33 39.72 1.27
N GLN A 261 -1.61 40.90 1.80
CA GLN A 261 -1.41 42.11 0.98
C GLN A 261 -0.01 42.75 1.14
N GLY A 262 0.89 42.14 1.93
CA GLY A 262 2.23 42.66 2.23
C GLY A 262 2.33 43.43 3.53
N ASP A 263 1.21 43.74 4.12
CA ASP A 263 1.15 44.57 5.31
C ASP A 263 0.86 43.78 6.61
N THR A 264 0.45 42.50 6.54
CA THR A 264 0.13 41.78 7.79
C THR A 264 0.89 40.49 7.97
N ALA A 265 0.41 39.40 7.40
CA ALA A 265 1.10 38.13 7.57
C ALA A 265 1.89 37.74 6.33
N ASP A 266 2.62 36.63 6.45
CA ASP A 266 3.38 36.03 5.39
C ASP A 266 2.61 34.89 4.75
N GLY A 267 1.48 34.49 5.35
CA GLY A 267 0.76 33.32 4.94
C GLY A 267 -0.31 33.08 5.95
N THR A 268 -1.15 32.11 5.66
CA THR A 268 -2.06 31.57 6.67
C THR A 268 -2.00 30.02 6.76
N MET A 269 -2.55 29.53 7.85
CA MET A 269 -2.93 28.14 7.96
C MET A 269 -3.94 27.92 6.83
N ASN A 270 -3.59 27.02 5.92
CA ASN A 270 -4.38 26.81 4.69
C ASN A 270 -5.51 25.81 4.83
N TYR A 271 -6.45 26.12 5.68
CA TYR A 271 -7.66 25.28 5.87
C TYR A 271 -8.50 25.10 4.59
N THR A 272 -8.37 25.99 3.62
CA THR A 272 -9.08 25.85 2.34
C THR A 272 -8.55 24.59 1.66
N ALA A 273 -7.24 24.54 1.51
CA ALA A 273 -6.59 23.33 0.92
C ALA A 273 -6.90 22.05 1.71
N ARG A 274 -7.01 22.14 3.02
CA ARG A 274 -7.42 20.99 3.81
C ARG A 274 -8.79 20.46 3.40
N ASP A 275 -9.78 21.36 3.26
CA ASP A 275 -11.19 20.96 2.98
C ASP A 275 -11.31 20.32 1.57
N LEU A 276 -10.61 20.89 0.62
CA LEU A 276 -10.44 20.32 -0.69
C LEU A 276 -9.79 18.93 -0.71
N ILE A 277 -8.62 18.82 -0.09
CA ILE A 277 -7.95 17.54 -0.06
C ILE A 277 -8.86 16.49 0.58
N LEU A 278 -9.36 16.74 1.79
CA LEU A 278 -10.17 15.69 2.49
C LEU A 278 -11.50 15.38 1.83
N GLY A 279 -12.06 16.35 1.12
CA GLY A 279 -13.30 16.10 0.38
C GLY A 279 -13.05 15.05 -0.69
N PHE A 280 -11.84 15.12 -1.29
CA PHE A 280 -11.40 14.19 -2.32
C PHE A 280 -10.90 12.85 -1.78
N THR A 281 -9.98 12.85 -0.84
CA THR A 281 -9.38 11.61 -0.33
C THR A 281 -10.22 10.83 0.73
N ALA A 282 -11.18 11.48 1.39
CA ALA A 282 -11.87 10.90 2.58
C ALA A 282 -13.37 10.92 2.46
N ASP A 283 -13.95 12.06 2.14
CA ASP A 283 -15.40 12.20 2.09
C ASP A 283 -16.04 11.59 0.83
N GLY A 284 -15.38 11.80 -0.31
CA GLY A 284 -15.88 11.34 -1.59
C GLY A 284 -16.79 12.37 -2.25
N GLY A 285 -17.00 13.51 -1.60
CA GLY A 285 -17.90 14.52 -2.07
C GLY A 285 -17.36 15.31 -3.23
N ILE A 286 -16.05 15.34 -3.39
CA ILE A 286 -15.43 16.14 -4.43
C ILE A 286 -14.57 15.21 -5.24
N ASP A 287 -14.69 15.31 -6.55
CA ASP A 287 -13.86 14.53 -7.44
C ASP A 287 -12.60 15.30 -7.90
N ALA A 288 -11.81 14.67 -8.70
CA ALA A 288 -10.51 15.21 -9.07
C ALA A 288 -10.58 16.47 -9.89
N SER A 289 -11.54 16.57 -10.80
CA SER A 289 -11.75 17.85 -11.56
C SER A 289 -12.00 19.04 -10.63
N ALA A 290 -12.91 18.81 -9.68
CA ALA A 290 -13.30 19.80 -8.70
C ALA A 290 -12.14 20.17 -7.78
N LEU A 291 -11.35 19.17 -7.36
CA LEU A 291 -10.15 19.41 -6.56
C LEU A 291 -9.06 20.15 -7.30
N ALA A 292 -8.89 19.82 -8.57
CA ALA A 292 -7.85 20.47 -9.37
C ALA A 292 -8.25 21.92 -9.59
N ALA A 293 -9.54 22.13 -9.86
CA ALA A 293 -10.06 23.45 -10.08
C ALA A 293 -9.92 24.25 -8.77
N GLY A 294 -10.41 23.68 -7.66
CA GLY A 294 -10.29 24.32 -6.33
C GLY A 294 -8.90 24.86 -6.04
N LEU A 295 -7.90 24.00 -6.22
CA LEU A 295 -6.50 24.29 -5.89
C LEU A 295 -5.92 25.34 -6.83
N ASN A 296 -6.22 25.20 -8.12
CA ASN A 296 -5.82 26.18 -9.15
C ASN A 296 -6.42 27.56 -8.83
N ALA A 297 -7.66 27.60 -8.33
CA ALA A 297 -8.30 28.87 -7.94
C ALA A 297 -7.57 29.48 -6.73
N LEU A 298 -7.36 28.68 -5.71
CA LEU A 298 -6.69 29.10 -4.52
C LEU A 298 -5.32 29.61 -4.85
N HIS A 299 -4.64 28.94 -5.73
CA HIS A 299 -3.35 29.39 -6.11
C HIS A 299 -3.37 30.78 -6.77
N ALA A 300 -4.27 30.96 -7.70
CA ALA A 300 -4.42 32.21 -8.37
C ALA A 300 -4.85 33.35 -7.44
N GLU A 301 -5.57 33.04 -6.37
CA GLU A 301 -5.97 34.05 -5.37
C GLU A 301 -4.80 34.50 -4.48
N ILE A 302 -3.79 33.65 -4.32
CA ILE A 302 -2.68 33.95 -3.44
C ILE A 302 -1.68 34.83 -4.17
N PRO A 303 -1.37 36.02 -3.62
CA PRO A 303 -0.51 36.91 -4.36
C PRO A 303 0.93 36.41 -4.48
N ALA A 304 1.58 36.79 -5.59
CA ALA A 304 2.99 36.44 -5.86
C ALA A 304 3.90 36.84 -4.70
N GLY A 305 4.79 35.93 -4.30
CA GLY A 305 5.64 36.04 -3.10
C GLY A 305 5.07 35.41 -1.82
N PHE A 306 3.80 35.01 -1.84
CA PHE A 306 3.10 34.53 -0.63
C PHE A 306 2.69 33.07 -0.69
N HIS A 307 2.89 32.44 -1.84
CA HIS A 307 2.59 31.04 -2.01
C HIS A 307 3.36 30.18 -1.05
N ARG A 308 4.66 30.43 -0.94
CA ARG A 308 5.57 29.68 -0.03
C ARG A 308 5.23 29.87 1.47
N GLY A 309 4.62 31.02 1.82
CA GLY A 309 4.31 31.35 3.22
C GLY A 309 3.08 30.62 3.76
N MET A 310 2.29 30.10 2.84
CA MET A 310 1.12 29.36 3.20
C MET A 310 1.52 28.15 4.00
N LEU A 311 0.89 28.00 5.16
CA LEU A 311 1.15 26.87 6.04
C LEU A 311 0.12 25.82 5.79
N ASN A 312 0.47 24.83 4.98
CA ASN A 312 -0.48 23.76 4.54
C ASN A 312 -0.58 22.67 5.57
N LEU A 313 -1.77 22.13 5.73
CA LEU A 313 -2.07 21.14 6.79
C LEU A 313 -3.33 20.34 6.46
N LEU A 314 -3.44 19.19 7.14
CA LEU A 314 -4.55 18.28 7.03
C LEU A 314 -5.33 18.23 8.33
N GLY A 315 -4.82 18.90 9.35
CA GLY A 315 -5.49 18.85 10.64
C GLY A 315 -4.65 19.56 11.67
N SER A 316 -5.24 19.73 12.84
CA SER A 316 -4.72 20.54 13.92
C SER A 316 -5.40 20.16 15.24
N HIS A 317 -4.99 20.86 16.30
CA HIS A 317 -5.66 20.85 17.59
C HIS A 317 -7.08 21.31 17.58
N ASP A 318 -7.53 21.98 16.50
CA ASP A 318 -8.96 22.35 16.33
C ASP A 318 -9.75 21.48 15.32
N THR A 319 -9.20 20.34 14.93
CA THR A 319 -9.90 19.41 14.01
C THR A 319 -9.76 18.02 14.51
N GLU A 320 -10.69 17.17 14.13
CA GLU A 320 -10.54 15.73 14.31
C GLU A 320 -9.28 15.22 13.59
N ARG A 321 -8.72 14.12 14.09
CA ARG A 321 -7.51 13.61 13.53
C ARG A 321 -7.75 13.05 12.12
N VAL A 322 -6.76 13.25 11.25
CA VAL A 322 -6.76 12.87 9.85
C VAL A 322 -7.20 11.42 9.65
N LEU A 323 -6.54 10.49 10.32
CA LEU A 323 -6.89 9.07 10.20
C LEU A 323 -8.37 8.81 10.56
N THR A 324 -8.89 9.53 11.52
CA THR A 324 -10.28 9.38 11.94
C THR A 324 -11.22 9.95 10.88
N ARG A 325 -10.76 11.01 10.19
CA ARG A 325 -11.52 11.60 9.09
C ARG A 325 -11.58 10.62 7.92
N HIS A 326 -10.54 9.82 7.78
CA HIS A 326 -10.51 8.78 6.78
C HIS A 326 -11.07 7.43 7.28
N ALA A 327 -11.82 7.49 8.38
CA ALA A 327 -12.51 6.31 8.94
C ALA A 327 -11.56 5.16 9.12
N GLY A 328 -10.37 5.44 9.59
CA GLY A 328 -9.34 4.40 9.79
C GLY A 328 -8.60 3.81 8.58
N ASP A 329 -8.89 4.28 7.37
CA ASP A 329 -8.25 3.79 6.14
C ASP A 329 -6.88 4.44 5.92
N VAL A 330 -5.82 3.71 6.19
CA VAL A 330 -4.48 4.26 6.17
C VAL A 330 -4.03 4.63 4.78
N GLU A 331 -4.41 3.82 3.79
CA GLU A 331 -4.01 4.07 2.41
C GLU A 331 -4.73 5.30 1.90
N ALA A 332 -5.98 5.48 2.29
CA ALA A 332 -6.70 6.67 1.91
C ALA A 332 -6.00 7.86 2.54
N ALA A 333 -5.63 7.71 3.82
CA ALA A 333 -4.94 8.73 4.55
C ALA A 333 -3.63 9.15 3.87
N LEU A 334 -2.85 8.17 3.41
CA LEU A 334 -1.61 8.47 2.68
C LEU A 334 -1.79 9.27 1.38
N LEU A 335 -2.95 9.13 0.72
CA LEU A 335 -3.29 10.01 -0.42
C LEU A 335 -3.33 11.50 0.01
N SER A 336 -3.91 11.75 1.18
CA SER A 336 -3.94 13.11 1.77
C SER A 336 -2.56 13.65 1.94
N TYR A 337 -1.69 12.84 2.51
CA TYR A 337 -0.29 13.23 2.79
C TYR A 337 0.48 13.54 1.55
N ALA A 338 0.33 12.69 0.54
CA ALA A 338 0.97 12.88 -0.76
C ALA A 338 0.57 14.24 -1.29
N LEU A 339 -0.74 14.50 -1.29
CA LEU A 339 -1.23 15.76 -1.78
C LEU A 339 -0.61 16.85 -0.92
N LEU A 340 -0.79 16.77 0.38
CA LEU A 340 -0.28 17.80 1.29
C LEU A 340 1.16 18.16 0.90
N PHE A 341 2.03 17.14 0.87
CA PHE A 341 3.47 17.34 0.57
C PHE A 341 3.82 17.77 -0.87
N SER A 342 2.87 17.65 -1.77
CA SER A 342 3.05 18.04 -3.15
C SER A 342 2.79 19.51 -3.42
N LEU A 343 2.11 20.20 -2.48
CA LEU A 343 1.62 21.54 -2.75
C LEU A 343 2.72 22.55 -2.57
N GLU A 344 2.45 23.74 -3.08
CA GLU A 344 3.30 24.88 -2.77
C GLU A 344 2.89 25.38 -1.39
N GLY A 345 3.86 25.74 -0.58
CA GLY A 345 3.64 26.20 0.75
C GLY A 345 4.29 25.18 1.63
N ALA A 346 4.40 25.50 2.91
CA ALA A 346 5.08 24.66 3.85
C ALA A 346 4.10 23.63 4.41
N PRO A 347 4.37 22.32 4.21
CA PRO A 347 3.47 21.27 4.74
C PRO A 347 3.67 21.09 6.25
N MET A 348 2.57 20.83 6.96
CA MET A 348 2.61 20.65 8.41
C MET A 348 1.90 19.37 8.82
N VAL A 349 2.56 18.64 9.71
CA VAL A 349 2.07 17.39 10.23
C VAL A 349 1.72 17.62 11.68
N TYR A 350 0.53 17.21 12.05
CA TYR A 350 0.05 17.38 13.42
C TYR A 350 0.56 16.21 14.26
N TYR A 351 1.28 16.53 15.35
CA TYR A 351 1.97 15.54 16.20
C TYR A 351 1.10 14.31 16.42
N GLY A 352 1.66 13.14 16.14
CA GLY A 352 1.00 11.86 16.27
C GLY A 352 0.27 11.36 15.03
N ASP A 353 -0.03 12.22 14.04
CA ASP A 353 -0.76 11.73 12.86
C ASP A 353 0.16 10.80 12.05
N GLU A 354 1.47 11.11 12.05
CA GLU A 354 2.49 10.30 11.36
C GLU A 354 2.61 8.82 11.83
N VAL A 355 2.14 8.58 13.03
CA VAL A 355 2.11 7.28 13.68
C VAL A 355 0.68 6.67 13.70
N GLY A 356 -0.31 7.42 13.20
CA GLY A 356 -1.67 6.91 13.11
C GLY A 356 -2.52 7.01 14.36
N LEU A 357 -2.30 8.08 15.12
CA LEU A 357 -3.23 8.35 16.18
C LEU A 357 -4.57 8.77 15.59
N THR A 358 -5.61 8.42 16.35
CA THR A 358 -6.95 8.67 15.97
C THR A 358 -7.46 9.60 17.03
N GLY A 359 -8.59 10.24 16.72
CA GLY A 359 -9.27 11.07 17.66
C GLY A 359 -10.32 11.91 16.94
N ASP A 360 -11.40 12.20 17.64
CA ASP A 360 -12.38 13.17 17.15
C ASP A 360 -11.81 14.58 17.39
N ASN A 361 -12.62 15.58 17.00
CA ASN A 361 -12.29 16.99 17.27
C ASN A 361 -12.20 17.29 18.76
N ASP A 362 -11.45 18.34 19.05
CA ASP A 362 -11.07 18.76 20.41
C ASP A 362 -12.24 18.61 21.36
N PRO A 363 -12.06 17.90 22.47
CA PRO A 363 -10.81 17.36 23.04
C PRO A 363 -10.17 16.12 22.44
N GLY A 364 -10.87 15.39 21.57
CA GLY A 364 -10.45 14.06 21.14
C GLY A 364 -9.10 13.95 20.46
N CYS A 365 -8.71 15.00 19.75
CA CYS A 365 -7.46 15.09 18.97
C CYS A 365 -6.27 15.54 19.79
N ARG A 366 -6.41 15.63 21.10
CA ARG A 366 -5.29 16.04 21.95
C ARG A 366 -4.77 14.91 22.83
N GLY A 367 -4.81 13.70 22.26
CA GLY A 367 -4.17 12.53 22.84
C GLY A 367 -2.67 12.70 23.07
N ALA A 368 -2.21 12.05 24.13
CA ALA A 368 -0.78 12.01 24.39
C ALA A 368 -0.10 11.10 23.37
N MET A 369 1.08 11.53 22.93
CA MET A 369 1.89 10.82 21.92
C MET A 369 2.56 9.59 22.54
N PRO A 370 2.21 8.38 22.11
CA PRO A 370 2.89 7.17 22.64
C PRO A 370 4.28 7.05 22.05
N TRP A 371 5.26 6.68 22.88
CA TRP A 371 6.66 6.49 22.46
C TRP A 371 7.09 5.01 22.38
N ASN A 372 6.22 4.10 22.85
CA ASN A 372 6.39 2.67 22.61
C ASN A 372 6.03 2.32 21.17
N GLU A 373 7.04 2.06 20.35
CA GLU A 373 6.89 1.96 18.89
C GLU A 373 6.09 0.77 18.39
N GLU A 374 5.79 -0.18 19.26
CA GLU A 374 4.90 -1.30 18.91
C GLU A 374 3.48 -0.87 18.71
N SER A 375 3.13 0.32 19.19
CA SER A 375 1.80 0.85 18.97
C SER A 375 1.69 1.72 17.72
N TRP A 376 2.81 2.06 17.08
CA TRP A 376 2.78 2.98 15.93
C TRP A 376 2.40 2.24 14.67
N ASN A 377 1.76 2.91 13.73
CA ASN A 377 1.73 2.41 12.37
C ASN A 377 2.97 2.95 11.65
N THR A 378 3.97 2.10 11.51
CA THR A 378 5.27 2.49 10.95
C THR A 378 5.31 2.55 9.39
N ARG A 379 4.40 1.85 8.73
CA ARG A 379 4.22 1.96 7.28
C ARG A 379 3.62 3.34 6.95
N LEU A 380 2.74 3.81 7.80
CA LEU A 380 2.24 5.15 7.66
C LEU A 380 3.37 6.22 7.88
N LEU A 381 4.18 6.00 8.91
CA LEU A 381 5.28 6.92 9.18
C LEU A 381 6.26 6.99 7.99
N ASP A 382 6.66 5.82 7.52
CA ASP A 382 7.65 5.70 6.45
C ASP A 382 7.08 6.14 5.13
N GLY A 383 5.78 5.94 4.95
CA GLY A 383 5.06 6.58 3.87
C GLY A 383 5.21 8.12 3.82
N ILE A 384 4.98 8.77 4.97
CA ILE A 384 5.05 10.21 5.06
C ILE A 384 6.47 10.69 4.80
N ARG A 385 7.44 9.91 5.30
CA ARG A 385 8.88 10.26 5.24
C ARG A 385 9.39 10.31 3.84
N THR A 386 8.89 9.35 3.07
CA THR A 386 9.17 9.22 1.67
C THR A 386 8.66 10.44 0.89
N PHE A 387 7.42 10.85 1.15
CA PHE A 387 6.90 12.07 0.54
C PHE A 387 7.74 13.26 0.95
N ALA A 388 8.18 13.29 2.20
CA ALA A 388 9.01 14.39 2.65
C ALA A 388 10.35 14.38 1.97
N ALA A 389 10.95 13.19 1.89
CA ALA A 389 12.29 13.04 1.30
C ALA A 389 12.32 13.38 -0.20
N PHE A 390 11.27 13.00 -0.91
CA PHE A 390 11.11 13.38 -2.29
C PHE A 390 11.12 14.90 -2.40
N ARG A 391 10.31 15.53 -1.55
CA ARG A 391 10.15 17.02 -1.56
C ARG A 391 11.44 17.76 -1.18
N ALA A 392 12.18 17.23 -0.23
CA ALA A 392 13.40 17.82 0.18
C ALA A 392 14.42 17.62 -0.92
N HIS A 393 14.41 16.47 -1.56
CA HIS A 393 15.35 16.27 -2.64
C HIS A 393 15.05 16.97 -3.96
N GLN A 394 13.82 17.32 -4.24
CA GLN A 394 13.47 18.01 -5.46
C GLN A 394 13.24 19.53 -5.31
N PRO A 395 14.14 20.37 -5.86
CA PRO A 395 14.07 21.82 -5.82
C PRO A 395 12.75 22.38 -6.28
N ALA A 396 12.18 21.80 -7.32
CA ALA A 396 10.86 22.16 -7.86
C ALA A 396 9.73 21.92 -6.86
N MET A 397 9.89 20.90 -6.02
CA MET A 397 8.88 20.60 -5.00
C MET A 397 8.82 21.67 -3.91
N ARG A 398 9.81 22.55 -3.89
CA ARG A 398 9.90 23.59 -2.89
C ARG A 398 9.69 24.98 -3.48
N ARG A 399 10.41 25.26 -4.58
CA ARG A 399 10.38 26.58 -5.24
C ARG A 399 9.66 26.63 -6.60
N GLY A 400 9.10 25.51 -7.09
CA GLY A 400 8.45 25.47 -8.40
C GLY A 400 6.99 25.93 -8.42
N ARG A 401 6.52 26.43 -9.56
CA ARG A 401 5.08 26.73 -9.75
C ARG A 401 4.22 25.49 -9.43
N GLN A 402 2.95 25.68 -9.22
CA GLN A 402 2.04 24.60 -8.95
C GLN A 402 0.92 24.63 -9.97
N THR A 403 0.79 23.53 -10.73
CA THR A 403 -0.39 23.29 -11.58
C THR A 403 -1.00 21.96 -11.15
N ALA A 404 -2.28 21.99 -10.78
CA ALA A 404 -3.05 20.79 -10.50
C ALA A 404 -3.85 20.35 -11.73
N VAL A 405 -3.73 19.07 -12.05
CA VAL A 405 -4.29 18.48 -13.27
C VAL A 405 -5.17 17.26 -12.95
N ALA A 406 -6.47 17.35 -13.21
CA ALA A 406 -7.37 16.20 -13.11
C ALA A 406 -7.19 15.35 -14.35
N LEU A 407 -6.90 14.06 -14.15
CA LEU A 407 -6.77 13.07 -15.25
C LEU A 407 -7.99 12.19 -15.40
N ASP A 408 -8.57 11.79 -14.26
CA ASP A 408 -9.77 10.94 -14.14
C ASP A 408 -10.56 11.61 -13.10
N ALA A 409 -11.82 11.21 -12.97
CA ALA A 409 -12.61 11.50 -11.74
C ALA A 409 -11.91 11.12 -10.42
N ASP A 410 -11.05 10.09 -10.46
CA ASP A 410 -10.33 9.57 -9.27
C ASP A 410 -8.84 9.79 -9.23
N THR A 411 -8.28 10.55 -10.16
CA THR A 411 -6.84 10.64 -10.29
C THR A 411 -6.39 12.03 -10.67
N ILE A 412 -5.40 12.53 -9.94
CA ILE A 412 -4.96 13.93 -10.07
C ILE A 412 -3.46 13.97 -10.07
N ALA A 413 -2.90 14.80 -10.94
CA ALA A 413 -1.48 15.09 -10.87
C ALA A 413 -1.30 16.47 -10.36
N ILE A 414 -0.50 16.59 -9.32
CA ILE A 414 0.04 17.88 -8.87
C ILE A 414 1.40 18.08 -9.50
N VAL A 415 1.53 19.05 -10.41
CA VAL A 415 2.83 19.25 -11.10
C VAL A 415 3.57 20.47 -10.58
N ARG A 416 4.88 20.33 -10.42
CA ARG A 416 5.74 21.41 -9.93
C ARG A 416 6.87 21.62 -10.89
N SER A 417 7.03 22.81 -11.41
CA SER A 417 8.05 23.07 -12.41
C SER A 417 8.97 24.22 -12.17
N GLY A 418 10.23 23.91 -12.26
CA GLY A 418 11.29 24.86 -12.09
C GLY A 418 11.92 25.16 -13.43
N GLY A 419 11.42 26.19 -14.04
CA GLY A 419 11.89 26.58 -15.34
C GLY A 419 11.57 25.43 -16.25
N ASP A 420 12.62 24.70 -16.52
CA ASP A 420 12.56 23.53 -17.40
C ASP A 420 12.56 22.19 -16.66
N GLU A 421 12.85 22.18 -15.36
CA GLU A 421 12.80 20.93 -14.59
C GLU A 421 11.33 20.77 -14.16
N ARG A 422 10.95 19.55 -13.75
CA ARG A 422 9.57 19.20 -13.45
C ARG A 422 9.46 18.06 -12.44
N ALA A 423 8.57 18.18 -11.49
CA ALA A 423 8.25 17.06 -10.64
C ALA A 423 6.74 16.86 -10.67
N ALA A 424 6.31 15.64 -10.37
CA ALA A 424 4.88 15.34 -10.40
C ALA A 424 4.55 14.32 -9.37
N VAL A 425 3.53 14.61 -8.58
CA VAL A 425 3.02 13.64 -7.68
C VAL A 425 1.66 13.28 -8.22
N ILE A 426 1.49 11.99 -8.51
CA ILE A 426 0.23 11.49 -9.02
C ILE A 426 -0.50 10.68 -7.95
N VAL A 427 -1.81 10.94 -7.80
CA VAL A 427 -2.58 10.46 -6.66
C VAL A 427 -3.91 9.84 -7.07
N HIS A 428 -4.01 8.51 -6.91
CA HIS A 428 -5.15 7.76 -7.36
C HIS A 428 -5.99 7.27 -6.18
N ARG A 429 -7.26 7.62 -6.17
CA ARG A 429 -8.20 7.15 -5.13
C ARG A 429 -9.06 5.93 -5.52
N GLY A 430 -8.90 5.44 -6.75
CA GLY A 430 -9.60 4.28 -7.25
C GLY A 430 -8.85 2.95 -7.06
N GLU A 431 -9.23 1.97 -7.87
CA GLU A 431 -8.80 0.58 -7.77
C GLU A 431 -7.59 0.26 -8.62
N GLY A 432 -7.21 1.21 -9.44
CA GLY A 432 -6.00 1.10 -10.25
C GLY A 432 -6.19 1.75 -11.58
N THR A 433 -5.14 2.33 -12.13
CA THR A 433 -5.25 2.97 -13.40
C THR A 433 -3.89 3.14 -14.09
N THR A 434 -3.89 3.86 -15.20
CA THR A 434 -2.70 4.05 -15.99
C THR A 434 -2.68 5.51 -16.38
N VAL A 435 -1.50 6.09 -16.38
CA VAL A 435 -1.35 7.49 -16.68
C VAL A 435 -0.44 7.59 -17.89
N ASP A 436 -1.06 7.99 -19.00
CA ASP A 436 -0.38 8.18 -20.26
C ASP A 436 0.24 9.56 -20.17
N THR A 437 1.56 9.61 -20.02
CA THR A 437 2.28 10.89 -19.78
C THR A 437 2.23 11.84 -20.98
N ALA A 438 2.50 11.30 -22.17
CA ALA A 438 2.18 11.97 -23.42
C ALA A 438 0.71 12.41 -23.42
N SER A 439 0.37 13.38 -24.25
CA SER A 439 -1.00 13.94 -24.30
C SER A 439 -1.45 14.74 -23.05
N ILE A 440 -0.63 14.80 -21.99
CA ILE A 440 -0.85 15.72 -20.85
C ILE A 440 0.33 16.70 -20.87
N PRO A 441 0.12 17.91 -21.42
CA PRO A 441 1.21 18.88 -21.72
C PRO A 441 2.19 19.15 -20.57
N GLU A 442 1.64 19.23 -19.37
CA GLU A 442 2.41 19.49 -18.14
C GLU A 442 3.23 18.26 -17.68
N LEU A 443 2.75 17.05 -17.97
CA LEU A 443 3.48 15.79 -17.65
C LEU A 443 4.40 15.34 -18.79
N ALA A 444 4.16 15.84 -20.01
CA ALA A 444 4.88 15.42 -21.24
C ALA A 444 6.42 15.33 -21.17
N PRO A 445 7.09 16.29 -20.50
CA PRO A 445 8.60 16.26 -20.45
C PRO A 445 9.27 15.10 -19.65
N LEU A 446 8.50 14.33 -18.88
CA LEU A 446 9.04 13.11 -18.28
C LEU A 446 9.32 12.10 -19.40
N ASP A 447 10.49 11.47 -19.32
CA ASP A 447 10.87 10.46 -20.29
C ASP A 447 9.87 9.26 -20.29
N ALA A 448 9.43 8.80 -19.11
CA ALA A 448 8.40 7.74 -19.01
C ALA A 448 7.12 8.12 -19.75
N ASP A 449 6.71 7.29 -20.69
CA ASP A 449 5.42 7.49 -21.37
C ASP A 449 4.19 6.97 -20.58
N THR A 450 4.34 5.88 -19.82
CA THR A 450 3.22 5.39 -18.98
C THR A 450 3.69 5.04 -17.57
N VAL A 451 2.76 5.17 -16.64
CA VAL A 451 3.01 4.98 -15.22
C VAL A 451 1.78 4.27 -14.72
N VAL A 452 1.97 3.20 -13.97
CA VAL A 452 0.86 2.51 -13.33
C VAL A 452 0.70 2.99 -11.91
N LEU A 453 -0.56 3.00 -11.48
CA LEU A 453 -0.91 3.34 -10.13
C LEU A 453 -1.79 2.20 -9.63
N GLY A 454 -1.40 1.57 -8.55
CA GLY A 454 -2.25 0.54 -7.93
C GLY A 454 -3.47 1.13 -7.24
N PRO A 455 -4.22 0.30 -6.52
CA PRO A 455 -5.36 0.80 -5.80
C PRO A 455 -4.85 1.74 -4.71
N LEU A 456 -5.50 2.89 -4.53
CA LEU A 456 -5.06 3.95 -3.64
C LEU A 456 -3.57 4.20 -3.83
N GLY A 457 -3.13 4.11 -5.09
CA GLY A 457 -1.71 4.18 -5.43
C GLY A 457 -1.22 5.62 -5.54
N THR A 458 0.06 5.79 -5.39
CA THR A 458 0.68 7.07 -5.48
C THR A 458 1.91 6.92 -6.38
N ALA A 459 2.16 7.88 -7.27
CA ALA A 459 3.41 7.90 -8.03
C ALA A 459 4.13 9.27 -8.00
N SER A 460 5.42 9.22 -7.73
CA SER A 460 6.20 10.42 -7.63
C SER A 460 7.34 10.33 -8.60
N LEU A 461 7.34 11.21 -9.58
CA LEU A 461 8.38 11.23 -10.60
C LEU A 461 8.91 12.63 -10.76
N ALA A 462 10.19 12.68 -11.07
CA ALA A 462 10.86 13.94 -11.32
C ALA A 462 11.73 13.81 -12.54
N THR A 463 11.90 14.91 -13.24
CA THR A 463 12.66 14.96 -14.49
C THR A 463 14.18 15.02 -14.18
N ALA A 464 14.97 14.96 -15.25
CA ALA A 464 16.38 15.41 -15.30
C ALA A 464 17.26 15.01 -14.10
N THR B 23 10.55 -25.15 -30.36
CA THR B 23 10.17 -24.01 -29.44
C THR B 23 8.74 -24.15 -28.89
N ALA B 24 8.49 -23.41 -27.80
CA ALA B 24 7.19 -23.35 -27.17
C ALA B 24 6.18 -22.64 -28.07
N PRO B 25 4.88 -22.91 -27.88
CA PRO B 25 3.90 -22.16 -28.66
C PRO B 25 3.75 -20.67 -28.29
N ASP B 26 3.59 -19.81 -29.32
CA ASP B 26 3.61 -18.36 -29.17
C ASP B 26 2.51 -17.82 -28.32
N TRP B 27 1.32 -18.43 -28.35
CA TRP B 27 0.23 -17.91 -27.51
C TRP B 27 0.68 -17.79 -26.06
N LEU B 28 1.60 -18.65 -25.63
CA LEU B 28 2.05 -18.65 -24.24
C LEU B 28 2.56 -17.36 -23.73
N ALA B 29 3.17 -16.56 -24.61
CA ALA B 29 3.68 -15.24 -24.25
C ALA B 29 2.55 -14.36 -23.68
N ASP B 30 1.34 -14.53 -24.22
CA ASP B 30 0.14 -13.84 -23.80
C ASP B 30 -0.69 -14.49 -22.70
N ALA B 31 -0.28 -15.65 -22.20
CA ALA B 31 -1.11 -16.43 -21.28
C ALA B 31 -0.91 -16.00 -19.83
N VAL B 32 -1.95 -16.19 -19.07
CA VAL B 32 -1.94 -15.90 -17.65
C VAL B 32 -2.87 -16.94 -17.13
N PHE B 33 -2.34 -17.72 -16.23
CA PHE B 33 -2.97 -18.96 -15.85
C PHE B 33 -3.58 -18.76 -14.48
N TYR B 34 -4.66 -19.51 -14.27
CA TYR B 34 -5.42 -19.56 -13.03
C TYR B 34 -5.50 -21.08 -12.70
N GLN B 35 -4.83 -21.49 -11.63
CA GLN B 35 -4.85 -22.88 -11.29
C GLN B 35 -6.00 -23.19 -10.41
N ILE B 36 -6.76 -24.20 -10.77
CA ILE B 36 -7.92 -24.57 -9.99
C ILE B 36 -7.85 -26.00 -9.51
N PHE B 37 -8.14 -26.19 -8.21
CA PHE B 37 -8.28 -27.48 -7.53
C PHE B 37 -9.79 -27.63 -7.45
N PRO B 38 -10.38 -28.37 -8.43
CA PRO B 38 -11.81 -28.21 -8.72
C PRO B 38 -12.76 -28.61 -7.60
N GLU B 39 -12.34 -29.52 -6.73
CA GLU B 39 -13.21 -29.91 -5.65
C GLU B 39 -13.37 -28.76 -4.59
N ARG B 40 -12.69 -27.62 -4.80
CA ARG B 40 -12.74 -26.49 -3.85
C ARG B 40 -13.09 -25.10 -4.42
N PHE B 41 -13.41 -25.01 -5.70
CA PHE B 41 -13.52 -23.70 -6.32
C PHE B 41 -14.97 -23.24 -6.15
N ALA B 42 -15.91 -23.99 -6.69
CA ALA B 42 -17.36 -23.70 -6.49
C ALA B 42 -18.29 -24.94 -6.63
N ASN B 43 -19.16 -25.14 -5.66
CA ASN B 43 -20.18 -26.16 -5.69
C ASN B 43 -21.44 -25.53 -6.32
N ALA B 44 -21.55 -25.52 -7.65
CA ALA B 44 -22.77 -25.01 -8.31
C ALA B 44 -23.89 -26.06 -8.33
N ASP B 45 -23.59 -27.34 -8.12
CA ASP B 45 -24.58 -28.38 -8.28
C ASP B 45 -24.60 -29.33 -7.09
N PRO B 46 -25.47 -29.04 -6.11
CA PRO B 46 -25.58 -29.93 -4.92
C PRO B 46 -26.06 -31.36 -5.20
N SER B 47 -26.82 -31.59 -6.27
CA SER B 47 -27.25 -32.94 -6.64
C SER B 47 -26.12 -33.87 -7.00
N LEU B 48 -24.96 -33.32 -7.36
CA LEU B 48 -23.73 -34.11 -7.58
C LEU B 48 -22.95 -34.48 -6.34
N ASP B 49 -23.23 -33.85 -5.20
CA ASP B 49 -22.44 -34.00 -3.97
C ASP B 49 -22.57 -35.41 -3.32
N PRO B 50 -21.48 -35.90 -2.73
CA PRO B 50 -21.53 -37.24 -2.13
C PRO B 50 -22.25 -37.13 -0.83
N GLN B 51 -22.69 -38.25 -0.31
CA GLN B 51 -23.36 -38.32 0.96
C GLN B 51 -22.57 -37.73 2.09
N ASN B 52 -21.26 -37.87 2.11
CA ASN B 52 -20.51 -37.32 3.22
C ASN B 52 -19.95 -35.90 3.05
N VAL B 53 -20.55 -35.15 2.15
CA VAL B 53 -20.14 -33.81 1.83
C VAL B 53 -20.11 -32.90 3.02
N VAL B 54 -19.01 -32.22 3.22
CA VAL B 54 -18.88 -31.29 4.34
C VAL B 54 -19.35 -29.87 3.98
N PRO B 55 -19.67 -29.04 5.00
CA PRO B 55 -20.01 -27.63 4.74
C PRO B 55 -18.84 -26.91 4.13
N TRP B 56 -19.18 -26.03 3.20
CA TRP B 56 -18.26 -25.20 2.46
C TRP B 56 -17.22 -24.47 3.35
N GLY B 57 -17.56 -24.14 4.59
CA GLY B 57 -16.58 -23.53 5.49
C GLY B 57 -15.58 -24.42 6.22
N SER B 58 -15.55 -25.71 5.91
CA SER B 58 -14.80 -26.64 6.75
C SER B 58 -13.32 -26.60 6.41
N THR B 59 -12.54 -27.02 7.39
CA THR B 59 -11.14 -27.22 7.23
C THR B 59 -10.94 -28.33 6.21
N PRO B 60 -10.06 -28.09 5.21
CA PRO B 60 -9.71 -29.12 4.22
C PRO B 60 -8.94 -30.23 4.90
N THR B 61 -9.13 -31.47 4.49
CA THR B 61 -8.37 -32.61 5.03
C THR B 61 -8.02 -33.44 3.85
N PRO B 62 -7.10 -34.43 4.02
CA PRO B 62 -6.82 -35.39 2.95
C PRO B 62 -7.97 -36.33 2.52
N ASP B 63 -9.06 -36.43 3.30
CA ASP B 63 -10.16 -37.34 2.99
C ASP B 63 -11.49 -36.65 2.75
N ASN B 64 -11.65 -35.34 2.98
CA ASN B 64 -13.01 -34.75 2.93
C ASN B 64 -13.38 -34.23 1.55
N PHE B 65 -14.69 -34.13 1.30
CA PHE B 65 -15.24 -33.65 0.04
C PHE B 65 -16.21 -32.51 0.29
N PHE B 66 -16.14 -31.46 -0.54
CA PHE B 66 -16.88 -30.21 -0.43
C PHE B 66 -17.94 -30.04 -1.52
N GLY B 67 -17.82 -30.79 -2.62
CA GLY B 67 -18.77 -30.74 -3.70
C GLY B 67 -18.40 -29.73 -4.77
N GLY B 68 -17.24 -29.09 -4.71
CA GLY B 68 -16.76 -28.32 -5.87
C GLY B 68 -17.08 -29.05 -7.19
N ASP B 69 -17.55 -28.37 -8.20
CA ASP B 69 -17.89 -29.05 -9.48
C ASP B 69 -17.56 -28.22 -10.76
N LEU B 70 -17.75 -28.84 -11.92
CA LEU B 70 -17.45 -28.17 -13.18
C LEU B 70 -18.38 -26.97 -13.45
N GLN B 71 -19.64 -27.11 -13.08
CA GLN B 71 -20.60 -26.04 -13.17
C GLN B 71 -20.20 -24.84 -12.27
N GLY B 72 -19.49 -25.12 -11.18
CA GLY B 72 -18.99 -24.06 -10.32
C GLY B 72 -17.94 -23.24 -11.06
N ILE B 73 -17.10 -23.89 -11.86
CA ILE B 73 -16.10 -23.15 -12.64
C ILE B 73 -16.76 -22.27 -13.72
N ILE B 74 -17.85 -22.76 -14.31
CA ILE B 74 -18.53 -22.07 -15.39
C ILE B 74 -19.11 -20.78 -14.88
N ASP B 75 -19.78 -20.90 -13.75
CA ASP B 75 -20.41 -19.81 -13.05
C ASP B 75 -19.47 -18.73 -12.48
N HIS B 76 -18.17 -18.93 -12.44
CA HIS B 76 -17.32 -17.92 -11.94
C HIS B 76 -16.24 -17.54 -12.93
N LEU B 77 -16.52 -17.75 -14.19
CA LEU B 77 -15.62 -17.46 -15.26
C LEU B 77 -15.34 -15.99 -15.36
N ASP B 78 -16.32 -15.24 -14.96
CA ASP B 78 -16.29 -13.77 -14.90
C ASP B 78 -15.26 -13.31 -13.88
N HIS B 79 -15.23 -13.97 -12.71
CA HIS B 79 -14.22 -13.68 -11.70
C HIS B 79 -12.82 -13.89 -12.29
N ILE B 80 -12.67 -15.00 -13.05
CA ILE B 80 -11.36 -15.44 -13.57
C ILE B 80 -10.87 -14.51 -14.68
N VAL B 81 -11.79 -14.07 -15.52
CA VAL B 81 -11.54 -13.05 -16.52
C VAL B 81 -11.21 -11.71 -15.87
N ALA B 82 -12.05 -11.27 -14.95
CA ALA B 82 -11.80 -10.00 -14.28
C ALA B 82 -10.45 -9.92 -13.55
N LEU B 83 -9.85 -11.06 -13.20
CA LEU B 83 -8.55 -11.05 -12.56
C LEU B 83 -7.40 -10.72 -13.56
N GLY B 84 -7.63 -11.04 -14.84
CA GLY B 84 -6.65 -10.96 -15.90
C GLY B 84 -6.26 -12.31 -16.51
N ALA B 85 -6.77 -13.43 -15.94
CA ALA B 85 -6.45 -14.79 -16.41
C ALA B 85 -7.18 -15.13 -17.71
N ASN B 86 -6.49 -15.91 -18.53
CA ASN B 86 -7.00 -16.35 -19.84
C ASN B 86 -6.67 -17.82 -20.14
N ALA B 87 -6.10 -18.50 -19.15
CA ALA B 87 -5.87 -19.91 -19.22
C ALA B 87 -6.13 -20.51 -17.82
N LEU B 88 -6.68 -21.71 -17.81
CA LEU B 88 -6.80 -22.47 -16.59
C LEU B 88 -5.85 -23.69 -16.59
N TYR B 89 -5.13 -23.90 -15.50
CA TYR B 89 -4.55 -25.21 -15.18
C TYR B 89 -5.48 -25.94 -14.18
N LEU B 90 -6.10 -27.02 -14.65
CA LEU B 90 -6.93 -27.84 -13.76
C LEU B 90 -6.15 -29.07 -13.25
N THR B 91 -6.18 -29.25 -11.92
CA THR B 91 -5.71 -30.49 -11.32
C THR B 91 -6.63 -31.65 -11.80
N PRO B 92 -6.32 -32.90 -11.43
CA PRO B 92 -7.06 -34.04 -12.03
C PRO B 92 -8.53 -33.97 -11.90
N ILE B 93 -9.24 -34.24 -13.00
CA ILE B 93 -10.70 -34.21 -13.04
C ILE B 93 -11.37 -35.54 -13.43
N PHE B 94 -10.58 -36.60 -13.63
CA PHE B 94 -11.14 -37.84 -14.12
C PHE B 94 -11.60 -38.69 -12.93
N GLU B 95 -12.53 -39.58 -13.22
CA GLU B 95 -13.14 -40.48 -12.20
C GLU B 95 -12.07 -41.07 -11.26
N ALA B 96 -12.15 -40.76 -9.95
CA ALA B 96 -11.15 -41.17 -8.94
C ALA B 96 -11.84 -41.43 -7.59
N ASP B 97 -11.09 -41.93 -6.61
CA ASP B 97 -11.62 -42.14 -5.23
C ASP B 97 -11.18 -41.15 -4.16
N THR B 98 -10.30 -40.20 -4.51
CA THR B 98 -9.80 -39.16 -3.57
C THR B 98 -10.34 -37.78 -3.91
N ASN B 99 -10.06 -36.85 -3.05
CA ASN B 99 -10.47 -35.48 -3.27
C ASN B 99 -9.51 -34.72 -4.21
N HIS B 100 -8.31 -35.23 -4.40
CA HIS B 100 -7.36 -34.62 -5.27
C HIS B 100 -7.35 -35.28 -6.63
N ARG B 101 -7.88 -36.50 -6.66
CA ARG B 101 -8.06 -37.31 -7.83
C ARG B 101 -6.85 -37.80 -8.57
N TYR B 102 -5.75 -37.93 -7.88
CA TYR B 102 -4.54 -38.45 -8.50
C TYR B 102 -4.57 -39.96 -8.62
N ASP B 103 -5.56 -40.56 -7.96
CA ASP B 103 -5.86 -41.98 -8.05
C ASP B 103 -6.93 -42.26 -9.13
N ALA B 104 -6.70 -41.78 -10.36
CA ALA B 104 -7.68 -42.01 -11.42
C ALA B 104 -8.10 -43.49 -11.54
N LYS B 105 -9.36 -43.74 -11.81
CA LYS B 105 -9.90 -45.08 -12.00
C LYS B 105 -10.48 -45.30 -13.38
N ASP B 106 -10.50 -44.25 -14.19
CA ASP B 106 -11.00 -44.26 -15.57
C ASP B 106 -10.61 -42.92 -16.10
N TYR B 107 -9.61 -42.94 -16.95
CA TYR B 107 -9.08 -41.77 -17.54
C TYR B 107 -9.94 -41.23 -18.66
N PHE B 108 -11.00 -41.94 -19.02
CA PHE B 108 -11.88 -41.52 -20.12
C PHE B 108 -13.24 -40.94 -19.74
N SER B 109 -13.47 -40.67 -18.47
CA SER B 109 -14.62 -39.90 -18.02
C SER B 109 -14.26 -38.94 -16.91
N ILE B 110 -15.10 -37.91 -16.85
CA ILE B 110 -15.08 -36.89 -15.85
C ILE B 110 -15.61 -37.51 -14.58
N ASP B 111 -15.04 -37.13 -13.45
CA ASP B 111 -15.43 -37.70 -12.21
C ASP B 111 -16.88 -37.38 -12.02
N HIS B 112 -17.66 -38.43 -11.70
CA HIS B 112 -19.07 -38.25 -11.53
C HIS B 112 -19.49 -37.15 -10.50
N ARG B 113 -18.66 -36.82 -9.51
CA ARG B 113 -18.95 -35.67 -8.60
C ARG B 113 -18.64 -34.29 -9.19
N LEU B 114 -17.77 -34.25 -10.21
CA LEU B 114 -17.49 -33.01 -10.97
C LEU B 114 -18.50 -32.65 -12.01
N GLY B 115 -19.23 -33.61 -12.56
CA GLY B 115 -20.21 -33.34 -13.65
C GLY B 115 -20.13 -34.48 -14.65
N THR B 116 -20.86 -34.36 -15.75
CA THR B 116 -20.83 -35.33 -16.85
C THR B 116 -19.93 -34.77 -17.99
N LEU B 117 -19.74 -35.55 -19.06
CA LEU B 117 -19.05 -35.10 -20.26
C LEU B 117 -19.71 -33.87 -20.93
N GLU B 118 -21.02 -33.75 -20.80
CA GLU B 118 -21.75 -32.61 -21.37
C GLU B 118 -21.38 -31.36 -20.60
N THR B 119 -21.47 -31.42 -19.29
CA THR B 119 -21.07 -30.31 -18.45
C THR B 119 -19.60 -29.93 -18.80
N PHE B 120 -18.73 -30.90 -19.06
CA PHE B 120 -17.37 -30.63 -19.45
C PHE B 120 -17.26 -29.89 -20.78
N HIS B 121 -18.12 -30.26 -21.70
CA HIS B 121 -18.17 -29.63 -22.98
C HIS B 121 -18.68 -28.23 -22.84
N ALA B 122 -19.63 -28.02 -21.94
CA ALA B 122 -20.19 -26.72 -21.71
C ALA B 122 -19.13 -25.84 -21.10
N LEU B 123 -18.29 -26.39 -20.26
CA LEU B 123 -17.11 -25.64 -19.75
C LEU B 123 -16.12 -25.23 -20.86
N MET B 124 -15.74 -26.17 -21.71
CA MET B 124 -14.86 -25.84 -22.84
C MET B 124 -15.38 -24.69 -23.66
N ALA B 125 -16.66 -24.78 -24.04
CA ALA B 125 -17.32 -23.81 -24.91
C ALA B 125 -17.41 -22.44 -24.24
N GLU B 126 -17.87 -22.41 -23.00
CA GLU B 126 -18.00 -21.15 -22.26
C GLU B 126 -16.60 -20.52 -22.07
N CYS B 127 -15.61 -21.37 -21.77
CA CYS B 127 -14.22 -20.94 -21.73
C CYS B 127 -13.73 -20.31 -23.03
N ARG B 128 -13.97 -20.96 -24.16
CA ARG B 128 -13.46 -20.42 -25.43
C ARG B 128 -14.27 -19.22 -25.96
N ALA B 129 -15.56 -19.12 -25.63
CA ALA B 129 -16.32 -17.88 -25.88
C ALA B 129 -15.69 -16.65 -25.16
N ARG B 130 -15.12 -16.86 -23.96
CA ARG B 130 -14.46 -15.81 -23.17
C ARG B 130 -12.95 -15.61 -23.39
N GLY B 131 -12.33 -16.41 -24.25
CA GLY B 131 -10.87 -16.37 -24.54
C GLY B 131 -9.96 -17.19 -23.62
N ILE B 132 -10.53 -18.26 -23.06
CA ILE B 132 -9.85 -18.99 -22.01
C ILE B 132 -9.55 -20.39 -22.52
N ARG B 133 -8.27 -20.74 -22.37
CA ARG B 133 -7.63 -21.98 -22.78
C ARG B 133 -7.54 -22.92 -21.58
N ILE B 134 -7.50 -24.20 -21.86
CA ILE B 134 -7.61 -25.19 -20.80
C ILE B 134 -6.42 -26.13 -20.83
N VAL B 135 -5.82 -26.38 -19.66
CA VAL B 135 -4.75 -27.36 -19.49
C VAL B 135 -5.16 -28.42 -18.43
N LEU B 136 -5.14 -29.71 -18.81
CA LEU B 136 -5.45 -30.79 -17.87
C LEU B 136 -4.17 -31.41 -17.30
N ASP B 137 -4.36 -32.13 -16.19
CA ASP B 137 -3.31 -32.76 -15.45
C ASP B 137 -3.24 -34.22 -15.97
N ALA B 138 -2.08 -34.59 -16.50
CA ALA B 138 -1.79 -35.91 -17.07
C ALA B 138 -1.02 -36.67 -16.01
N VAL B 139 -1.67 -37.66 -15.43
CA VAL B 139 -1.19 -38.45 -14.33
C VAL B 139 -0.89 -39.84 -14.90
N LEU B 140 0.27 -39.94 -15.48
CA LEU B 140 0.69 -41.11 -16.22
C LEU B 140 1.65 -42.07 -15.59
N ASN B 141 2.20 -41.71 -14.46
CA ASN B 141 3.08 -42.58 -13.76
C ASN B 141 2.30 -43.63 -12.98
N HIS B 142 1.13 -43.24 -12.52
CA HIS B 142 0.27 -44.06 -11.68
C HIS B 142 -1.22 -43.71 -11.78
N CYS B 143 -2.06 -44.64 -11.35
CA CYS B 143 -3.52 -44.57 -11.31
C CYS B 143 -3.90 -44.94 -9.90
N GLY B 144 -5.18 -45.12 -9.64
CA GLY B 144 -5.66 -45.48 -8.35
C GLY B 144 -5.86 -46.98 -8.29
N ASP B 145 -5.86 -47.50 -7.07
CA ASP B 145 -6.18 -48.93 -6.86
C ASP B 145 -7.63 -49.29 -7.25
N GLY B 146 -8.49 -48.31 -7.39
CA GLY B 146 -9.83 -48.49 -7.83
C GLY B 146 -9.99 -48.60 -9.33
N HIS B 147 -8.96 -48.29 -10.09
CA HIS B 147 -8.98 -48.39 -11.54
C HIS B 147 -9.30 -49.84 -11.99
N TRP B 148 -10.14 -49.98 -13.02
CA TRP B 148 -10.61 -51.25 -13.56
C TRP B 148 -9.56 -52.31 -13.91
N ALA B 149 -8.49 -51.89 -14.54
CA ALA B 149 -7.32 -52.70 -14.86
C ALA B 149 -6.61 -53.20 -13.63
N PHE B 150 -6.43 -52.35 -12.62
CA PHE B 150 -5.78 -52.77 -11.40
C PHE B 150 -6.65 -53.70 -10.53
N ALA B 151 -7.95 -53.43 -10.48
CA ALA B 151 -8.88 -54.30 -9.77
C ALA B 151 -9.00 -55.66 -10.44
N ASP B 152 -8.83 -55.67 -11.77
CA ASP B 152 -8.88 -56.92 -12.52
C ASP B 152 -7.66 -57.81 -12.17
N VAL B 153 -6.52 -57.16 -11.98
CA VAL B 153 -5.32 -57.87 -11.57
C VAL B 153 -5.50 -58.42 -10.15
N VAL B 154 -6.05 -57.62 -9.27
CA VAL B 154 -6.27 -58.04 -7.90
C VAL B 154 -7.14 -59.29 -7.93
N GLU B 155 -8.14 -59.27 -8.80
CA GLU B 155 -9.18 -60.29 -8.88
C GLU B 155 -8.71 -61.54 -9.57
N ASN B 156 -8.18 -61.38 -10.79
CA ASN B 156 -7.85 -62.49 -11.67
C ASN B 156 -6.35 -62.82 -11.66
N GLU B 157 -5.54 -61.99 -10.99
CA GLU B 157 -4.14 -62.27 -10.72
C GLU B 157 -3.39 -62.53 -12.02
N ALA B 158 -2.71 -63.67 -12.14
CA ALA B 158 -1.90 -63.97 -13.33
C ALA B 158 -2.76 -64.17 -14.58
N ASP B 159 -4.05 -64.46 -14.38
CA ASP B 159 -5.00 -64.59 -15.46
C ASP B 159 -5.58 -63.28 -16.00
N SER B 160 -5.39 -62.19 -15.27
CA SER B 160 -5.76 -60.89 -15.82
C SER B 160 -4.96 -60.57 -17.10
N ALA B 161 -5.66 -60.11 -18.13
CA ALA B 161 -4.99 -59.55 -19.30
C ALA B 161 -4.16 -58.27 -19.00
N TYR B 162 -4.36 -57.62 -17.84
CA TYR B 162 -3.64 -56.37 -17.50
C TYR B 162 -2.58 -56.54 -16.40
N VAL B 163 -2.18 -57.80 -16.12
CA VAL B 163 -1.15 -58.10 -15.14
C VAL B 163 0.10 -57.28 -15.43
N ASN B 164 0.49 -57.22 -16.70
CA ASN B 164 1.70 -56.51 -17.08
C ASN B 164 1.52 -55.03 -17.34
N TRP B 165 0.30 -54.54 -17.13
CA TRP B 165 0.06 -53.10 -17.04
C TRP B 165 0.59 -52.44 -15.77
N PHE B 166 0.89 -53.27 -14.77
CA PHE B 166 1.53 -52.88 -13.48
C PHE B 166 2.80 -53.74 -13.22
N SER B 167 3.50 -53.42 -12.15
CA SER B 167 4.60 -54.19 -11.65
C SER B 167 4.17 -54.79 -10.28
N VAL B 168 3.41 -55.89 -10.32
CA VAL B 168 2.97 -56.62 -9.11
C VAL B 168 3.96 -57.77 -8.82
N GLU B 169 4.54 -57.73 -7.62
CA GLU B 169 5.55 -58.72 -7.25
C GLU B 169 5.05 -60.18 -7.23
N GLY B 170 3.84 -60.43 -6.75
CA GLY B 170 3.23 -61.73 -6.60
C GLY B 170 1.87 -61.64 -6.13
N PHE B 171 1.24 -62.78 -6.11
CA PHE B 171 -0.13 -62.93 -5.76
C PHE B 171 -0.26 -63.71 -4.51
N PRO B 172 -1.10 -63.28 -3.60
CA PRO B 172 -2.08 -62.25 -3.82
C PRO B 172 -1.60 -60.86 -3.54
N VAL B 173 -2.25 -59.92 -4.20
CA VAL B 173 -1.97 -58.52 -4.03
C VAL B 173 -2.32 -58.09 -2.64
N THR B 174 -1.36 -57.46 -2.00
CA THR B 174 -1.52 -56.87 -0.70
C THR B 174 -1.00 -55.48 -0.61
N ALA B 175 -1.82 -54.68 0.01
CA ALA B 175 -1.52 -53.35 0.39
C ALA B 175 -0.96 -53.53 1.78
N HIS B 176 -1.29 -54.58 2.49
CA HIS B 176 -0.62 -54.74 3.78
C HIS B 176 0.60 -55.64 3.67
N PRO B 177 1.56 -55.50 4.55
CA PRO B 177 1.96 -54.42 5.44
C PRO B 177 2.61 -53.26 4.71
N THR B 178 3.33 -53.57 3.64
CA THR B 178 3.78 -52.65 2.62
C THR B 178 3.23 -53.16 1.31
N PRO B 179 2.90 -52.27 0.38
CA PRO B 179 2.36 -52.79 -0.88
C PRO B 179 3.36 -53.73 -1.56
N ASN B 180 2.85 -54.87 -2.04
CA ASN B 180 3.67 -55.83 -2.79
C ASN B 180 3.59 -55.56 -4.32
N TYR B 181 3.51 -54.27 -4.67
CA TYR B 181 3.62 -53.81 -6.04
C TYR B 181 4.32 -52.47 -6.05
N ARG B 182 4.82 -52.08 -7.20
CA ARG B 182 5.44 -50.73 -7.35
C ARG B 182 4.35 -49.65 -7.28
N THR B 183 4.73 -48.49 -6.75
CA THR B 183 3.76 -47.40 -6.50
C THR B 183 4.43 -46.03 -6.61
N CYS B 184 3.60 -44.98 -6.50
CA CYS B 184 4.08 -43.63 -6.38
C CYS B 184 4.38 -43.35 -4.92
N SER B 185 5.67 -43.19 -4.65
CA SER B 185 6.24 -42.89 -3.34
C SER B 185 5.61 -43.69 -2.20
N GLY B 186 5.43 -44.99 -2.42
CA GLY B 186 5.04 -45.89 -1.35
C GLY B 186 3.55 -45.89 -1.02
N CYS B 187 2.77 -45.11 -1.76
CA CYS B 187 1.37 -45.00 -1.46
C CYS B 187 0.55 -46.19 -2.03
N TYR B 188 -0.11 -46.95 -1.14
CA TYR B 188 -0.74 -48.24 -1.49
C TYR B 188 -1.83 -48.13 -2.55
N TYR B 189 -2.56 -47.01 -2.54
CA TYR B 189 -3.67 -46.76 -3.47
C TYR B 189 -3.27 -46.03 -4.77
N LEU B 190 -1.96 -45.79 -4.96
CA LEU B 190 -1.41 -45.31 -6.24
C LEU B 190 -0.43 -46.33 -6.91
N PRO B 191 -0.97 -47.47 -7.41
CA PRO B 191 -0.13 -48.42 -8.15
C PRO B 191 0.52 -47.77 -9.35
N LYS B 192 1.80 -48.09 -9.57
CA LYS B 192 2.60 -47.50 -10.64
C LYS B 192 2.27 -48.16 -11.95
N TRP B 193 2.03 -47.34 -12.95
CA TRP B 193 1.83 -47.85 -14.29
C TRP B 193 3.15 -48.40 -14.83
N ASN B 194 3.11 -49.61 -15.34
CA ASN B 194 4.24 -50.12 -16.08
C ASN B 194 4.34 -49.49 -17.47
N ALA B 195 5.05 -48.36 -17.54
CA ALA B 195 5.31 -47.70 -18.82
C ALA B 195 6.28 -48.41 -19.76
N TYR B 196 6.90 -49.50 -19.33
CA TYR B 196 7.70 -50.33 -20.23
C TYR B 196 6.83 -51.26 -21.09
N ASN B 197 5.52 -51.25 -20.88
CA ASN B 197 4.58 -52.07 -21.62
C ASN B 197 4.01 -51.20 -22.72
N PRO B 198 4.12 -51.64 -23.98
CA PRO B 198 3.53 -50.94 -25.13
C PRO B 198 2.01 -50.65 -25.06
N GLU B 199 1.26 -51.60 -24.51
CA GLU B 199 -0.16 -51.49 -24.28
C GLU B 199 -0.50 -50.44 -23.26
N VAL B 200 0.30 -50.31 -22.22
CA VAL B 200 0.17 -49.18 -21.34
C VAL B 200 0.47 -47.90 -22.07
N ARG B 201 1.55 -47.86 -22.89
CA ARG B 201 1.86 -46.57 -23.59
C ARG B 201 0.72 -46.14 -24.53
N HIS B 202 0.08 -47.14 -25.14
CA HIS B 202 -0.98 -46.92 -26.09
C HIS B 202 -2.19 -46.35 -25.33
N HIS B 203 -2.48 -46.88 -24.17
CA HIS B 203 -3.50 -46.31 -23.36
C HIS B 203 -3.18 -44.87 -22.96
N HIS B 204 -1.94 -44.61 -22.61
CA HIS B 204 -1.54 -43.29 -22.20
C HIS B 204 -1.63 -42.33 -23.35
N LEU B 205 -1.26 -42.74 -24.54
CA LEU B 205 -1.39 -41.89 -25.68
C LEU B 205 -2.85 -41.68 -26.10
N ASP B 206 -3.65 -42.72 -26.03
CA ASP B 206 -5.10 -42.54 -26.28
C ASP B 206 -5.78 -41.61 -25.29
N VAL B 207 -5.25 -41.51 -24.06
CA VAL B 207 -5.74 -40.54 -23.06
C VAL B 207 -5.35 -39.15 -23.54
N ALA B 208 -4.09 -38.98 -23.96
CA ALA B 208 -3.62 -37.69 -24.45
C ALA B 208 -4.47 -37.18 -25.60
N ARG B 209 -4.71 -38.03 -26.60
CA ARG B 209 -5.46 -37.64 -27.79
C ARG B 209 -6.93 -37.43 -27.58
N TYR B 210 -7.52 -38.29 -26.76
CA TYR B 210 -8.91 -38.26 -26.45
C TYR B 210 -9.33 -36.90 -25.92
N TRP B 211 -8.66 -36.42 -24.86
CA TRP B 211 -9.05 -35.13 -24.31
C TRP B 211 -8.67 -33.96 -25.21
N ILE B 212 -7.61 -34.08 -26.00
CA ILE B 212 -7.42 -33.13 -27.09
C ILE B 212 -8.57 -33.19 -28.08
N ASP B 213 -9.13 -34.36 -28.35
CA ASP B 213 -10.29 -34.42 -29.20
C ASP B 213 -11.50 -33.75 -28.55
N GLN B 214 -11.53 -33.65 -27.25
CA GLN B 214 -12.60 -32.97 -26.59
C GLN B 214 -12.42 -31.45 -26.49
N GLY B 215 -11.35 -30.91 -27.05
CA GLY B 215 -11.08 -29.50 -27.08
C GLY B 215 -10.09 -28.88 -26.13
N ILE B 216 -9.23 -29.62 -25.51
CA ILE B 216 -8.29 -28.98 -24.54
C ILE B 216 -7.10 -28.36 -25.30
N ASP B 217 -6.36 -27.53 -24.60
CA ASP B 217 -5.28 -26.72 -25.18
C ASP B 217 -3.93 -27.15 -24.76
N GLY B 218 -3.86 -27.97 -23.69
CA GLY B 218 -2.58 -28.54 -23.22
C GLY B 218 -2.70 -29.50 -22.04
N TRP B 219 -1.54 -30.02 -21.67
CA TRP B 219 -1.40 -31.03 -20.67
C TRP B 219 -0.27 -30.62 -19.76
N ARG B 220 -0.55 -30.67 -18.47
CA ARG B 220 0.47 -30.54 -17.45
C ARG B 220 0.84 -31.98 -17.00
N LEU B 221 2.15 -32.23 -16.90
CA LEU B 221 2.69 -33.59 -16.61
C LEU B 221 3.06 -33.78 -15.13
N ASP B 222 2.42 -34.76 -14.49
CA ASP B 222 2.55 -35.02 -13.10
C ASP B 222 3.75 -35.91 -12.90
N VAL B 223 4.56 -35.59 -11.87
CA VAL B 223 5.79 -36.30 -11.58
C VAL B 223 6.46 -36.90 -12.82
N PRO B 224 6.75 -36.07 -13.82
CA PRO B 224 7.25 -36.64 -15.08
C PRO B 224 8.56 -37.35 -14.90
N TYR B 225 9.32 -36.96 -13.89
CA TYR B 225 10.63 -37.56 -13.55
C TYR B 225 10.56 -39.03 -13.03
N PHE B 226 9.41 -39.52 -12.60
CA PHE B 226 9.22 -40.97 -12.26
C PHE B 226 9.05 -41.91 -13.46
N ILE B 227 8.80 -41.34 -14.65
CA ILE B 227 8.73 -42.17 -15.83
C ILE B 227 10.07 -42.00 -16.50
N ASN B 228 10.14 -41.73 -17.80
CA ASN B 228 11.47 -41.66 -18.47
C ASN B 228 11.34 -40.81 -19.70
N HIS B 229 12.44 -40.20 -20.13
CA HIS B 229 12.42 -39.37 -21.34
C HIS B 229 11.96 -40.03 -22.61
N THR B 230 12.30 -41.29 -22.80
CA THR B 230 11.86 -42.00 -24.00
C THR B 230 10.33 -41.93 -24.11
N PHE B 231 9.59 -42.19 -23.03
CA PHE B 231 8.15 -42.13 -23.10
C PHE B 231 7.65 -40.71 -23.41
N TRP B 232 8.28 -39.71 -22.79
CA TRP B 232 7.87 -38.30 -22.92
C TRP B 232 8.14 -37.79 -24.30
N ARG B 233 9.12 -38.40 -24.97
CA ARG B 233 9.32 -38.15 -26.39
C ARG B 233 8.17 -38.63 -27.25
N GLU B 234 7.74 -39.86 -27.03
CA GLU B 234 6.52 -40.36 -27.72
C GLU B 234 5.31 -39.45 -27.40
N PHE B 235 5.18 -39.04 -26.13
CA PHE B 235 4.10 -38.10 -25.72
C PHE B 235 4.06 -36.79 -26.53
N ARG B 236 5.19 -36.11 -26.60
CA ARG B 236 5.25 -34.89 -27.42
C ARG B 236 4.84 -35.16 -28.90
N THR B 237 5.35 -36.21 -29.49
CA THR B 237 5.03 -36.59 -30.87
C THR B 237 3.53 -36.82 -31.06
N ALA B 238 2.91 -37.57 -30.15
CA ALA B 238 1.46 -37.78 -30.22
C ALA B 238 0.64 -36.50 -30.03
N VAL B 239 1.05 -35.64 -29.11
CA VAL B 239 0.29 -34.44 -28.80
C VAL B 239 0.51 -33.37 -29.88
N LYS B 240 1.78 -33.07 -30.18
CA LYS B 240 2.12 -32.13 -31.26
C LYS B 240 1.66 -32.59 -32.64
N GLY B 241 1.62 -33.91 -32.87
CA GLY B 241 1.02 -34.46 -34.08
C GLY B 241 -0.42 -34.02 -34.33
N LYS B 242 -1.19 -33.85 -33.26
CA LYS B 242 -2.56 -33.40 -33.37
C LYS B 242 -2.58 -31.91 -33.61
N SER B 243 -1.70 -31.18 -32.91
CA SER B 243 -1.44 -29.79 -33.19
C SER B 243 -0.23 -29.27 -32.47
N GLU B 244 0.49 -28.44 -33.21
CA GLU B 244 1.79 -27.90 -32.88
C GLU B 244 1.61 -26.89 -31.72
N ASP B 245 0.47 -26.22 -31.64
CA ASP B 245 0.16 -25.27 -30.57
C ASP B 245 -0.41 -25.87 -29.27
N LEU B 246 -0.50 -27.20 -29.14
CA LEU B 246 -0.92 -27.76 -27.86
C LEU B 246 0.27 -27.70 -26.92
N TYR B 247 0.00 -27.41 -25.64
CA TYR B 247 1.02 -27.00 -24.70
C TYR B 247 1.25 -28.12 -23.78
N ILE B 248 2.53 -28.39 -23.52
CA ILE B 248 2.97 -29.43 -22.63
C ILE B 248 3.83 -28.82 -21.55
N VAL B 249 3.42 -28.92 -20.30
CA VAL B 249 4.23 -28.33 -19.22
C VAL B 249 4.57 -29.33 -18.13
N ALA B 250 5.87 -29.46 -17.85
CA ALA B 250 6.38 -30.43 -16.90
C ALA B 250 6.29 -29.91 -15.49
N GLU B 251 5.81 -30.75 -14.57
CA GLU B 251 6.02 -30.51 -13.17
C GLU B 251 7.48 -30.74 -12.95
N GLU B 252 8.15 -29.79 -12.36
CA GLU B 252 9.56 -30.06 -11.98
C GLU B 252 9.93 -29.05 -10.91
N TRP B 253 10.52 -29.54 -9.82
CA TRP B 253 10.90 -28.72 -8.66
C TRP B 253 12.35 -28.27 -8.66
N ARG B 254 13.19 -28.93 -9.42
CA ARG B 254 14.59 -28.58 -9.51
C ARG B 254 14.90 -27.90 -10.83
N SER B 255 16.08 -28.09 -11.37
CA SER B 255 16.38 -27.49 -12.65
C SER B 255 15.41 -27.97 -13.74
N PRO B 256 14.94 -27.02 -14.56
CA PRO B 256 14.08 -27.33 -15.69
C PRO B 256 14.78 -27.81 -16.95
N VAL B 257 16.12 -27.68 -17.03
CA VAL B 257 16.84 -27.78 -18.31
C VAL B 257 16.57 -29.10 -19.06
N GLU B 258 16.53 -30.23 -18.35
CA GLU B 258 16.33 -31.53 -19.01
C GLU B 258 15.01 -31.59 -19.82
N TRP B 259 14.02 -30.80 -19.42
CA TRP B 259 12.73 -30.83 -20.11
C TRP B 259 12.64 -29.86 -21.31
N LEU B 260 13.72 -29.09 -21.54
CA LEU B 260 13.70 -28.00 -22.52
C LEU B 260 14.68 -28.21 -23.67
N GLN B 261 14.81 -29.47 -24.09
CA GLN B 261 15.78 -29.80 -25.10
C GLN B 261 15.09 -29.88 -26.46
N GLY B 262 13.77 -29.63 -26.50
CA GLY B 262 13.03 -29.63 -27.75
C GLY B 262 12.30 -30.91 -28.07
N ASP B 263 12.40 -31.91 -27.20
CA ASP B 263 11.85 -33.27 -27.47
C ASP B 263 10.84 -33.81 -26.44
N THR B 264 10.67 -33.09 -25.34
CA THR B 264 9.66 -33.49 -24.35
C THR B 264 8.67 -32.35 -24.17
N ALA B 265 8.99 -31.38 -23.29
CA ALA B 265 8.00 -30.36 -22.88
C ALA B 265 8.28 -29.00 -23.53
N ASP B 266 7.28 -28.11 -23.40
CA ASP B 266 7.34 -26.71 -23.80
C ASP B 266 7.81 -25.82 -22.66
N GLY B 267 7.87 -26.39 -21.46
CA GLY B 267 8.29 -25.64 -20.29
C GLY B 267 8.12 -26.44 -19.01
N THR B 268 8.33 -25.74 -17.91
CA THR B 268 8.32 -26.30 -16.59
C THR B 268 7.52 -25.32 -15.69
N MET B 269 6.85 -25.87 -14.68
CA MET B 269 6.39 -25.13 -13.55
C MET B 269 7.63 -24.53 -12.91
N ASN B 270 7.72 -23.23 -12.88
CA ASN B 270 9.03 -22.60 -12.50
C ASN B 270 9.19 -22.44 -11.00
N TYR B 271 9.30 -23.58 -10.31
CA TYR B 271 9.58 -23.60 -8.87
C TYR B 271 10.91 -22.99 -8.46
N THR B 272 11.85 -22.90 -9.41
CA THR B 272 13.11 -22.20 -9.17
C THR B 272 12.86 -20.72 -8.96
N ALA B 273 12.08 -20.13 -9.84
CA ALA B 273 11.79 -18.67 -9.66
C ALA B 273 10.95 -18.42 -8.39
N ARG B 274 10.00 -19.33 -8.10
CA ARG B 274 9.23 -19.26 -6.88
C ARG B 274 10.12 -19.14 -5.63
N ASP B 275 11.06 -20.07 -5.46
CA ASP B 275 12.01 -20.10 -4.32
C ASP B 275 12.87 -18.86 -4.22
N LEU B 276 13.38 -18.40 -5.35
CA LEU B 276 14.13 -17.15 -5.42
C LEU B 276 13.29 -15.90 -5.04
N ILE B 277 12.13 -15.74 -5.68
CA ILE B 277 11.27 -14.60 -5.37
C ILE B 277 10.96 -14.57 -3.90
N LEU B 278 10.47 -15.70 -3.36
CA LEU B 278 10.04 -15.76 -1.96
C LEU B 278 11.19 -15.58 -1.00
N GLY B 279 12.36 -16.11 -1.35
CA GLY B 279 13.58 -15.86 -0.60
C GLY B 279 13.74 -14.36 -0.38
N PHE B 280 13.43 -13.58 -1.41
CA PHE B 280 13.57 -12.13 -1.33
C PHE B 280 12.46 -11.43 -0.57
N THR B 281 11.22 -11.68 -0.97
CA THR B 281 10.04 -10.96 -0.50
C THR B 281 9.46 -11.44 0.84
N ALA B 282 9.68 -12.69 1.22
CA ALA B 282 9.04 -13.25 2.43
C ALA B 282 10.04 -13.69 3.48
N ASP B 283 11.11 -14.36 3.04
CA ASP B 283 12.07 -14.94 3.97
C ASP B 283 13.13 -13.93 4.43
N GLY B 284 13.53 -13.03 3.52
CA GLY B 284 14.70 -12.17 3.71
C GLY B 284 16.07 -12.85 3.64
N GLY B 285 16.13 -14.08 3.14
CA GLY B 285 17.33 -14.85 3.14
C GLY B 285 18.21 -14.45 1.99
N ILE B 286 17.59 -13.92 0.94
CA ILE B 286 18.33 -13.52 -0.24
C ILE B 286 18.02 -12.05 -0.53
N ASP B 287 19.06 -11.29 -0.87
CA ASP B 287 18.91 -9.90 -1.15
C ASP B 287 18.70 -9.71 -2.65
N ALA B 288 18.45 -8.49 -3.08
CA ALA B 288 18.14 -8.19 -4.49
C ALA B 288 19.21 -8.62 -5.49
N SER B 289 20.47 -8.68 -5.04
CA SER B 289 21.59 -9.06 -5.92
C SER B 289 21.62 -10.53 -6.18
N ALA B 290 21.49 -11.30 -5.10
CA ALA B 290 21.30 -12.75 -5.24
C ALA B 290 20.04 -13.11 -6.10
N LEU B 291 19.00 -12.29 -6.06
CA LEU B 291 17.77 -12.59 -6.80
C LEU B 291 17.97 -12.35 -8.29
N ALA B 292 18.47 -11.17 -8.61
CA ALA B 292 18.86 -10.83 -9.98
C ALA B 292 19.81 -11.86 -10.58
N ALA B 293 20.84 -12.22 -9.83
CA ALA B 293 21.78 -13.24 -10.26
C ALA B 293 21.05 -14.56 -10.47
N GLY B 294 20.21 -14.95 -9.50
CA GLY B 294 19.36 -16.15 -9.63
C GLY B 294 18.51 -16.13 -10.90
N LEU B 295 17.81 -15.03 -11.13
CA LEU B 295 16.96 -14.86 -12.34
C LEU B 295 17.71 -14.72 -13.66
N ASN B 296 18.86 -14.05 -13.66
CA ASN B 296 19.68 -13.99 -14.89
C ASN B 296 20.25 -15.38 -15.20
N ALA B 297 20.70 -16.10 -14.18
CA ALA B 297 21.25 -17.44 -14.42
C ALA B 297 20.14 -18.43 -14.92
N LEU B 298 18.97 -18.40 -14.32
CA LEU B 298 17.90 -19.26 -14.77
C LEU B 298 17.60 -18.89 -16.19
N HIS B 299 17.73 -17.63 -16.52
CA HIS B 299 17.52 -17.23 -17.87
C HIS B 299 18.58 -17.78 -18.82
N ALA B 300 19.82 -17.78 -18.38
CA ALA B 300 20.88 -18.30 -19.19
C ALA B 300 20.72 -19.78 -19.36
N GLU B 301 20.43 -20.46 -18.26
CA GLU B 301 20.12 -21.91 -18.21
C GLU B 301 19.01 -22.37 -19.18
N ILE B 302 17.90 -21.63 -19.23
CA ILE B 302 16.76 -22.04 -20.06
C ILE B 302 17.12 -21.78 -21.51
N PRO B 303 16.86 -22.76 -22.42
CA PRO B 303 17.19 -22.50 -23.83
C PRO B 303 16.23 -21.53 -24.55
N ALA B 304 16.76 -20.85 -25.56
CA ALA B 304 16.00 -19.98 -26.46
C ALA B 304 14.86 -20.75 -27.06
N GLY B 305 13.70 -20.12 -27.17
CA GLY B 305 12.51 -20.79 -27.61
C GLY B 305 11.62 -21.26 -26.46
N PHE B 306 12.19 -21.39 -25.24
CA PHE B 306 11.48 -22.00 -24.12
C PHE B 306 11.23 -21.10 -22.93
N HIS B 307 11.74 -19.86 -22.96
CA HIS B 307 11.50 -18.93 -21.85
C HIS B 307 10.01 -18.66 -21.75
N ARG B 308 9.41 -18.39 -22.89
CA ARG B 308 7.96 -18.14 -23.04
C ARG B 308 7.08 -19.27 -22.42
N GLY B 309 7.62 -20.49 -22.39
CA GLY B 309 6.84 -21.66 -21.94
C GLY B 309 6.86 -21.95 -20.48
N MET B 310 7.74 -21.26 -19.76
CA MET B 310 7.84 -21.47 -18.33
C MET B 310 6.55 -21.01 -17.71
N LEU B 311 6.03 -21.80 -16.79
CA LEU B 311 4.79 -21.51 -16.12
C LEU B 311 5.17 -21.08 -14.71
N ASN B 312 5.23 -19.77 -14.51
CA ASN B 312 5.80 -19.19 -13.27
C ASN B 312 4.70 -19.18 -12.26
N LEU B 313 5.05 -19.35 -11.02
CA LEU B 313 4.06 -19.39 -9.92
C LEU B 313 4.74 -19.04 -8.62
N LEU B 314 3.94 -18.62 -7.65
CA LEU B 314 4.38 -18.35 -6.29
C LEU B 314 3.82 -19.35 -5.33
N GLY B 315 2.91 -20.19 -5.81
CA GLY B 315 2.37 -21.27 -5.01
C GLY B 315 1.53 -22.23 -5.83
N SER B 316 1.09 -23.28 -5.14
CA SER B 316 0.23 -24.24 -5.75
C SER B 316 -0.48 -25.13 -4.70
N HIS B 317 -1.18 -26.16 -5.21
CA HIS B 317 -1.75 -27.22 -4.37
C HIS B 317 -0.70 -28.08 -3.72
N ASP B 318 0.58 -27.91 -4.12
CA ASP B 318 1.70 -28.61 -3.43
C ASP B 318 2.55 -27.76 -2.48
N THR B 319 2.11 -26.56 -2.16
CA THR B 319 2.85 -25.69 -1.25
C THR B 319 1.89 -25.03 -0.31
N GLU B 320 2.45 -24.41 0.72
CA GLU B 320 1.66 -23.50 1.56
C GLU B 320 1.25 -22.24 0.77
N ARG B 321 0.16 -21.60 1.20
CA ARG B 321 -0.38 -20.44 0.50
C ARG B 321 0.54 -19.24 0.63
N VAL B 322 0.63 -18.47 -0.46
CA VAL B 322 1.57 -17.37 -0.55
C VAL B 322 1.49 -16.39 0.64
N LEU B 323 0.28 -16.02 1.03
CA LEU B 323 0.07 -15.12 2.14
C LEU B 323 0.56 -15.75 3.46
N THR B 324 0.39 -17.06 3.62
CA THR B 324 0.90 -17.71 4.81
C THR B 324 2.40 -17.69 4.83
N ARG B 325 3.01 -17.95 3.70
CA ARG B 325 4.42 -17.87 3.59
C ARG B 325 4.91 -16.43 3.94
N HIS B 326 4.13 -15.41 3.66
CA HIS B 326 4.46 -14.05 3.98
C HIS B 326 4.00 -13.62 5.38
N ALA B 327 3.44 -14.55 6.14
CA ALA B 327 2.99 -14.40 7.49
C ALA B 327 1.98 -13.31 7.69
N GLY B 328 0.98 -13.34 6.85
CA GLY B 328 -0.08 -12.34 6.83
C GLY B 328 0.23 -10.93 6.35
N ASP B 329 1.42 -10.70 5.79
CA ASP B 329 1.86 -9.35 5.36
C ASP B 329 1.52 -9.19 3.93
N VAL B 330 0.41 -8.53 3.73
CA VAL B 330 -0.22 -8.44 2.47
C VAL B 330 0.61 -7.58 1.51
N GLU B 331 1.33 -6.60 2.06
CA GLU B 331 2.11 -5.67 1.22
C GLU B 331 3.33 -6.37 0.65
N ALA B 332 4.02 -7.10 1.49
CA ALA B 332 5.12 -7.95 1.05
C ALA B 332 4.63 -8.94 -0.01
N ALA B 333 3.52 -9.59 0.28
CA ALA B 333 2.93 -10.53 -0.62
C ALA B 333 2.69 -9.90 -1.99
N LEU B 334 2.27 -8.64 -2.02
CA LEU B 334 2.13 -7.91 -3.27
C LEU B 334 3.48 -7.73 -4.04
N LEU B 335 4.60 -7.69 -3.32
CA LEU B 335 5.92 -7.63 -3.93
C LEU B 335 6.19 -8.88 -4.75
N SER B 336 5.81 -10.02 -4.20
CA SER B 336 5.88 -11.32 -4.89
C SER B 336 5.10 -11.37 -6.20
N TYR B 337 3.90 -10.78 -6.18
CA TYR B 337 3.08 -10.79 -7.35
C TYR B 337 3.67 -9.83 -8.37
N ALA B 338 4.25 -8.74 -7.92
CA ALA B 338 4.84 -7.75 -8.82
C ALA B 338 5.92 -8.42 -9.61
N LEU B 339 6.78 -9.14 -8.89
CA LEU B 339 7.87 -9.91 -9.50
C LEU B 339 7.32 -10.97 -10.39
N LEU B 340 6.33 -11.73 -9.91
CA LEU B 340 5.72 -12.79 -10.69
C LEU B 340 5.23 -12.33 -12.03
N PHE B 341 4.38 -11.30 -12.05
CA PHE B 341 3.85 -10.77 -13.31
C PHE B 341 4.88 -10.05 -14.21
N SER B 342 6.04 -9.74 -13.65
CA SER B 342 7.07 -9.03 -14.35
C SER B 342 7.90 -9.92 -15.27
N LEU B 343 8.00 -11.22 -14.91
CA LEU B 343 8.92 -12.18 -15.56
C LEU B 343 8.45 -12.70 -16.90
N GLU B 344 9.45 -12.99 -17.75
CA GLU B 344 9.28 -13.90 -18.87
C GLU B 344 8.69 -15.28 -18.42
N GLY B 345 7.83 -15.82 -19.26
CA GLY B 345 7.06 -16.99 -18.87
C GLY B 345 5.64 -16.55 -18.51
N ALA B 346 4.74 -17.50 -18.61
CA ALA B 346 3.34 -17.26 -18.29
C ALA B 346 3.13 -17.31 -16.77
N PRO B 347 2.63 -16.20 -16.19
CA PRO B 347 2.39 -16.16 -14.76
C PRO B 347 1.10 -16.87 -14.42
N MET B 348 1.15 -17.58 -13.30
CA MET B 348 0.01 -18.40 -12.82
C MET B 348 -0.38 -18.03 -11.39
N VAL B 349 -1.65 -17.76 -11.18
CA VAL B 349 -2.17 -17.51 -9.85
C VAL B 349 -2.95 -18.73 -9.38
N TYR B 350 -2.72 -19.11 -8.14
CA TYR B 350 -3.34 -20.28 -7.51
C TYR B 350 -4.67 -19.84 -6.89
N TYR B 351 -5.74 -20.55 -7.25
CA TYR B 351 -7.11 -20.13 -6.90
C TYR B 351 -7.16 -19.66 -5.44
N GLY B 352 -7.77 -18.49 -5.18
CA GLY B 352 -7.92 -17.99 -3.79
C GLY B 352 -6.81 -17.12 -3.23
N ASP B 353 -5.59 -17.24 -3.75
CA ASP B 353 -4.51 -16.34 -3.35
C ASP B 353 -4.84 -14.89 -3.70
N GLU B 354 -5.57 -14.69 -4.79
CA GLU B 354 -5.94 -13.35 -5.27
C GLU B 354 -6.86 -12.58 -4.33
N VAL B 355 -7.60 -13.32 -3.48
CA VAL B 355 -8.45 -12.74 -2.42
C VAL B 355 -7.86 -12.91 -1.02
N GLY B 356 -6.62 -13.40 -0.94
CA GLY B 356 -5.89 -13.46 0.32
C GLY B 356 -6.20 -14.66 1.20
N LEU B 357 -6.42 -15.80 0.59
CA LEU B 357 -6.61 -17.04 1.35
C LEU B 357 -5.28 -17.45 2.00
N THR B 358 -5.44 -18.05 3.18
CA THR B 358 -4.31 -18.50 3.96
C THR B 358 -4.36 -20.02 4.17
N GLY B 359 -3.25 -20.56 4.61
CA GLY B 359 -3.14 -21.99 4.89
C GLY B 359 -1.77 -22.57 4.63
N ASP B 360 -1.51 -23.63 5.34
CA ASP B 360 -0.22 -24.31 5.26
C ASP B 360 -0.24 -25.19 4.01
N ASN B 361 0.80 -25.99 3.85
CA ASN B 361 0.86 -26.96 2.78
C ASN B 361 -0.21 -28.03 2.97
N ASP B 362 -0.56 -28.63 1.84
CA ASP B 362 -1.57 -29.67 1.63
C ASP B 362 -1.81 -30.57 2.84
N PRO B 363 -3.04 -30.72 3.34
CA PRO B 363 -4.27 -30.17 2.76
C PRO B 363 -4.57 -28.68 3.04
N GLY B 364 -3.72 -27.99 3.82
CA GLY B 364 -4.00 -26.60 4.24
C GLY B 364 -4.21 -25.60 3.12
N CYS B 365 -3.52 -25.81 2.00
CA CYS B 365 -3.64 -24.92 0.84
C CYS B 365 -4.84 -25.24 -0.08
N ARG B 366 -5.72 -26.15 0.36
CA ARG B 366 -6.83 -26.61 -0.46
C ARG B 366 -8.12 -26.22 0.18
N GLY B 367 -8.14 -25.02 0.76
CA GLY B 367 -9.35 -24.44 1.33
C GLY B 367 -10.36 -24.06 0.25
N ALA B 368 -11.63 -24.13 0.62
CA ALA B 368 -12.76 -23.77 -0.23
C ALA B 368 -12.70 -22.30 -0.50
N MET B 369 -12.97 -21.95 -1.74
CA MET B 369 -12.92 -20.56 -2.19
C MET B 369 -14.21 -19.86 -1.75
N PRO B 370 -14.08 -18.76 -1.00
CA PRO B 370 -15.23 -17.97 -0.59
C PRO B 370 -15.75 -17.10 -1.72
N TRP B 371 -17.08 -17.02 -1.79
CA TRP B 371 -17.75 -16.16 -2.74
C TRP B 371 -18.54 -15.02 -2.08
N ASN B 372 -18.24 -14.73 -0.82
CA ASN B 372 -18.69 -13.47 -0.20
C ASN B 372 -17.63 -12.47 -0.42
N GLU B 373 -17.91 -11.45 -1.23
CA GLU B 373 -16.92 -10.42 -1.50
C GLU B 373 -16.43 -9.67 -0.25
N GLU B 374 -17.23 -9.70 0.81
CA GLU B 374 -16.79 -9.18 2.10
C GLU B 374 -15.77 -10.06 2.77
N SER B 375 -15.65 -11.31 2.35
CA SER B 375 -14.54 -12.17 2.79
C SER B 375 -13.23 -11.85 2.05
N TRP B 376 -13.29 -11.20 0.89
CA TRP B 376 -12.08 -11.00 0.09
C TRP B 376 -11.22 -9.89 0.65
N ASN B 377 -9.92 -10.10 0.59
CA ASN B 377 -9.04 -8.97 0.65
C ASN B 377 -9.02 -8.34 -0.75
N THR B 378 -9.94 -7.39 -0.91
CA THR B 378 -10.13 -6.60 -2.14
C THR B 378 -8.90 -5.83 -2.65
N ARG B 379 -8.07 -5.32 -1.76
CA ARG B 379 -6.96 -4.48 -2.21
C ARG B 379 -5.82 -5.37 -2.70
N LEU B 380 -5.72 -6.56 -2.12
CA LEU B 380 -4.86 -7.58 -2.67
C LEU B 380 -5.34 -7.89 -4.10
N LEU B 381 -6.64 -8.15 -4.27
CA LEU B 381 -7.19 -8.51 -5.58
C LEU B 381 -6.94 -7.42 -6.63
N ASP B 382 -7.12 -6.15 -6.23
CA ASP B 382 -6.96 -5.02 -7.15
C ASP B 382 -5.48 -4.76 -7.43
N GLY B 383 -4.62 -5.06 -6.48
CA GLY B 383 -3.18 -4.95 -6.68
C GLY B 383 -2.71 -5.97 -7.69
N ILE B 384 -3.10 -7.21 -7.51
CA ILE B 384 -2.82 -8.23 -8.54
C ILE B 384 -3.45 -7.87 -9.89
N ARG B 385 -4.69 -7.38 -9.90
CA ARG B 385 -5.33 -7.00 -11.16
C ARG B 385 -4.52 -5.94 -11.92
N THR B 386 -3.97 -5.01 -11.17
CA THR B 386 -3.14 -3.95 -11.71
C THR B 386 -1.89 -4.50 -12.38
N PHE B 387 -1.15 -5.38 -11.70
CA PHE B 387 0.05 -5.96 -12.30
C PHE B 387 -0.34 -6.75 -13.60
N ALA B 388 -1.40 -7.57 -13.51
CA ALA B 388 -1.89 -8.30 -14.66
C ALA B 388 -2.25 -7.36 -15.78
N ALA B 389 -3.01 -6.29 -15.47
CA ALA B 389 -3.42 -5.30 -16.48
C ALA B 389 -2.24 -4.58 -17.18
N PHE B 390 -1.19 -4.24 -16.45
CA PHE B 390 0.01 -3.62 -17.03
C PHE B 390 0.72 -4.61 -17.97
N ARG B 391 0.78 -5.88 -17.55
CA ARG B 391 1.35 -6.91 -18.41
C ARG B 391 0.55 -7.08 -19.72
N ALA B 392 -0.75 -7.24 -19.61
CA ALA B 392 -1.63 -7.37 -20.76
C ALA B 392 -1.61 -6.17 -21.73
N HIS B 393 -1.40 -4.99 -21.20
CA HIS B 393 -1.37 -3.81 -22.01
C HIS B 393 -0.01 -3.48 -22.65
N GLN B 394 1.06 -3.83 -21.97
CA GLN B 394 2.37 -3.59 -22.46
C GLN B 394 2.87 -4.86 -23.13
N PRO B 395 3.08 -4.84 -24.43
CA PRO B 395 3.53 -5.98 -25.22
C PRO B 395 4.90 -6.52 -24.89
N ALA B 396 5.81 -5.64 -24.49
CA ALA B 396 7.16 -6.01 -24.03
C ALA B 396 7.07 -6.84 -22.73
N MET B 397 6.05 -6.57 -21.92
CA MET B 397 5.79 -7.40 -20.71
C MET B 397 5.43 -8.85 -21.02
N ARG B 398 4.85 -9.08 -22.20
CA ARG B 398 4.59 -10.41 -22.72
C ARG B 398 5.71 -11.00 -23.61
N ARG B 399 6.27 -10.22 -24.55
CA ARG B 399 7.33 -10.71 -25.50
C ARG B 399 8.76 -10.17 -25.35
N GLY B 400 8.94 -9.13 -24.56
CA GLY B 400 10.26 -8.50 -24.44
C GLY B 400 11.24 -9.35 -23.69
N ARG B 401 12.50 -9.02 -23.80
CA ARG B 401 13.56 -9.73 -23.14
C ARG B 401 13.59 -9.48 -21.66
N GLN B 402 14.05 -10.42 -20.90
CA GLN B 402 14.12 -10.25 -19.48
C GLN B 402 15.50 -10.02 -18.93
N THR B 403 15.67 -8.89 -18.26
CA THR B 403 16.89 -8.50 -17.59
C THR B 403 16.59 -8.14 -16.15
N ALA B 404 17.32 -8.72 -15.23
CA ALA B 404 17.09 -8.48 -13.83
C ALA B 404 18.28 -7.68 -13.28
N VAL B 405 18.01 -6.57 -12.58
CA VAL B 405 19.07 -5.79 -11.99
C VAL B 405 18.79 -5.23 -10.58
N ALA B 406 19.69 -5.54 -9.67
CA ALA B 406 19.69 -4.98 -8.31
C ALA B 406 20.15 -3.52 -8.33
N LEU B 407 19.41 -2.64 -7.66
CA LEU B 407 19.79 -1.21 -7.49
C LEU B 407 20.46 -0.96 -6.13
N ASP B 408 19.94 -1.63 -5.10
CA ASP B 408 20.58 -1.77 -3.79
C ASP B 408 20.16 -3.14 -3.22
N ALA B 409 20.57 -3.47 -1.99
CA ALA B 409 20.14 -4.71 -1.30
C ALA B 409 18.62 -5.00 -1.27
N ASP B 410 17.78 -3.96 -1.28
CA ASP B 410 16.34 -4.13 -1.07
C ASP B 410 15.48 -3.80 -2.30
N THR B 411 16.12 -3.53 -3.42
CA THR B 411 15.42 -2.96 -4.56
C THR B 411 15.92 -3.64 -5.83
N ILE B 412 14.97 -4.14 -6.61
CA ILE B 412 15.26 -4.82 -7.87
C ILE B 412 14.44 -4.24 -9.01
N ALA B 413 15.05 -4.18 -10.18
CA ALA B 413 14.31 -3.82 -11.39
C ALA B 413 14.33 -4.99 -12.38
N ILE B 414 13.17 -5.31 -12.89
CA ILE B 414 13.00 -6.34 -13.88
C ILE B 414 12.70 -5.56 -15.13
N VAL B 415 13.65 -5.51 -16.06
CA VAL B 415 13.46 -4.77 -17.30
C VAL B 415 13.02 -5.75 -18.39
N ARG B 416 12.14 -5.31 -19.27
CA ARG B 416 11.64 -6.15 -20.33
C ARG B 416 11.73 -5.38 -21.64
N SER B 417 12.48 -5.88 -22.62
CA SER B 417 12.82 -5.11 -23.83
C SER B 417 12.14 -5.54 -25.14
N GLY B 418 11.15 -4.76 -25.55
CA GLY B 418 10.43 -4.94 -26.82
C GLY B 418 11.09 -4.30 -28.02
N GLY B 419 10.58 -4.60 -29.20
CA GLY B 419 11.09 -3.96 -30.43
C GLY B 419 11.00 -2.43 -30.38
N ASP B 420 9.77 -1.93 -30.22
CA ASP B 420 9.47 -0.50 -30.28
C ASP B 420 9.10 0.14 -28.92
N GLU B 421 9.36 -0.58 -27.80
CA GLU B 421 8.96 -0.15 -26.44
C GLU B 421 9.77 -0.91 -25.37
N ARG B 422 9.90 -0.32 -24.16
CA ARG B 422 10.56 -0.98 -23.00
C ARG B 422 9.82 -0.75 -21.72
N ALA B 423 9.79 -1.77 -20.84
CA ALA B 423 9.12 -1.64 -19.55
C ALA B 423 9.97 -2.14 -18.38
N ALA B 424 9.69 -1.62 -17.19
CA ALA B 424 10.35 -2.04 -15.98
C ALA B 424 9.32 -2.18 -14.87
N VAL B 425 9.49 -3.19 -14.04
CA VAL B 425 8.77 -3.28 -12.79
C VAL B 425 9.86 -3.18 -11.75
N ILE B 426 9.72 -2.21 -10.84
CA ILE B 426 10.73 -1.96 -9.82
C ILE B 426 10.11 -2.37 -8.49
N VAL B 427 10.79 -3.24 -7.74
CA VAL B 427 10.20 -3.81 -6.53
C VAL B 427 11.11 -3.56 -5.33
N HIS B 428 10.61 -2.85 -4.32
CA HIS B 428 11.40 -2.43 -3.15
C HIS B 428 10.78 -3.03 -1.88
N ARG B 429 11.55 -3.78 -1.12
CA ARG B 429 11.08 -4.39 0.14
C ARG B 429 11.45 -3.60 1.42
N GLY B 430 12.14 -2.46 1.27
CA GLY B 430 12.56 -1.64 2.40
C GLY B 430 11.51 -0.61 2.75
N GLU B 431 11.92 0.40 3.52
CA GLU B 431 11.01 1.42 4.06
C GLU B 431 10.92 2.70 3.22
N GLY B 432 11.64 2.74 2.11
CA GLY B 432 11.36 3.68 1.04
C GLY B 432 12.67 4.10 0.43
N THR B 433 12.65 4.38 -0.86
CA THR B 433 13.86 4.81 -1.52
C THR B 433 13.55 5.57 -2.77
N THR B 434 14.60 6.03 -3.42
CA THR B 434 14.48 6.66 -4.73
C THR B 434 15.46 5.98 -5.70
N VAL B 435 15.07 5.90 -6.96
CA VAL B 435 15.91 5.28 -7.97
C VAL B 435 16.02 6.21 -9.17
N ASP B 436 17.24 6.33 -9.66
CA ASP B 436 17.56 7.10 -10.83
C ASP B 436 17.46 6.14 -12.02
N THR B 437 16.42 6.22 -12.86
CA THR B 437 16.27 5.30 -14.01
C THR B 437 17.40 5.41 -15.06
N ALA B 438 18.18 6.50 -15.02
CA ALA B 438 19.42 6.61 -15.81
C ALA B 438 20.42 5.50 -15.44
N SER B 439 20.33 5.01 -14.21
CA SER B 439 21.06 3.82 -13.76
C SER B 439 20.58 2.43 -14.24
N ILE B 440 19.56 2.36 -15.13
CA ILE B 440 18.99 1.07 -15.58
C ILE B 440 18.99 0.94 -17.12
N PRO B 441 20.02 0.27 -17.66
CA PRO B 441 20.08 0.07 -19.13
C PRO B 441 19.04 -0.94 -19.71
N LEU B 446 16.65 5.25 -22.73
CA LEU B 446 15.27 5.72 -22.91
C LEU B 446 14.69 6.58 -21.76
N ASP B 447 14.91 6.27 -20.47
CA ASP B 447 14.55 7.30 -19.46
C ASP B 447 15.60 7.75 -18.40
N ALA B 448 15.51 9.03 -18.03
CA ALA B 448 16.39 9.66 -17.03
C ALA B 448 15.58 10.23 -15.87
N ASP B 449 14.32 9.82 -15.74
CA ASP B 449 13.48 10.19 -14.62
C ASP B 449 14.07 9.62 -13.33
N THR B 450 13.80 10.33 -12.23
CA THR B 450 13.91 9.79 -10.87
C THR B 450 12.56 9.21 -10.50
N VAL B 451 12.54 8.04 -9.86
CA VAL B 451 11.25 7.50 -9.35
C VAL B 451 11.37 7.19 -7.89
N VAL B 452 10.33 7.51 -7.16
CA VAL B 452 10.35 7.25 -5.74
C VAL B 452 9.54 6.00 -5.48
N LEU B 453 9.99 5.23 -4.50
CA LEU B 453 9.29 4.07 -4.04
C LEU B 453 9.07 4.19 -2.55
N GLY B 454 7.82 4.05 -2.16
CA GLY B 454 7.48 3.94 -0.74
C GLY B 454 7.91 2.63 -0.07
N PRO B 455 7.58 2.49 1.22
CA PRO B 455 7.79 1.24 1.92
C PRO B 455 6.94 0.19 1.28
N LEU B 456 7.59 -0.95 1.00
CA LEU B 456 7.02 -2.07 0.31
C LEU B 456 6.40 -1.64 -0.99
N GLY B 457 7.05 -0.72 -1.67
CA GLY B 457 6.47 -0.03 -2.81
C GLY B 457 6.94 -0.67 -4.09
N THR B 458 6.15 -0.49 -5.16
CA THR B 458 6.59 -0.87 -6.49
C THR B 458 6.31 0.26 -7.47
N ALA B 459 6.88 0.19 -8.66
CA ALA B 459 6.61 1.16 -9.72
C ALA B 459 6.63 0.46 -11.04
N SER B 460 5.78 0.84 -11.97
CA SER B 460 5.71 0.09 -13.21
C SER B 460 5.66 1.09 -14.34
N LEU B 461 6.73 1.06 -15.15
CA LEU B 461 7.07 2.14 -16.08
C LEU B 461 7.21 1.57 -17.46
N ALA B 462 6.71 2.26 -18.47
CA ALA B 462 7.05 1.91 -19.86
C ALA B 462 7.46 3.15 -20.69
N THR B 463 8.27 2.94 -21.73
CA THR B 463 8.67 3.99 -22.69
C THR B 463 8.73 3.53 -24.13
N ALA B 464 8.26 4.36 -25.06
CA ALA B 464 8.51 4.18 -26.50
C ALA B 464 10.03 4.21 -26.82
N ALA B 465 10.48 3.21 -27.62
CA ALA B 465 11.85 3.04 -28.11
C ALA B 465 11.92 3.34 -29.62
#